data_7ONK
#
_entry.id   7ONK
#
_cell.length_a   81.039
_cell.length_b   91.139
_cell.length_c   148.421
_cell.angle_alpha   90.000
_cell.angle_beta   90.000
_cell.angle_gamma   90.000
#
_symmetry.space_group_name_H-M   'P 21 21 21'
#
loop_
_entity.id
_entity.type
_entity.pdbx_description
1 polymer 'Peptidoglycan D,D-transpeptidase FtsI'
2 non-polymer '(2S)-2-[(Z)-[1-(2-azanyl-1,3-thiazol-4-yl)-2-[[(2S)-3-methyl-1-oxidanylidene-3-(sulfooxyamino)butan-2-yl]amino]-2-oxidanylidene-ethylidene]amino]oxy-3-[4-[N-[(3R)-piperidin-3-yl]carbamimidoyl]phenoxy]propanoic acid'
3 non-polymer 'CHLORIDE ION'
4 non-polymer GLYCEROL
5 water water
#
_entity_poly.entity_id   1
_entity_poly.type   'polypeptide(L)'
_entity_poly.pdbx_seq_one_letter_code
;MDHDFLKGQGDARSVRHIAIPAHRGLITDRNGEPLAVSTPVTTLWANPKELMTAKERWPQLAAALGQDTKLFADRIEQNA
EREFIYLVRGLTPEQGEGVIALKVPGVYSIEEFRRFYPAGEVVAHAVGFTDVDDRGREGIELAFDEWLAGVPGKRQVLKD
RRGRVIKDVQVTKNAKPGKTLALSIDLRLQYLAHRELRNALLENGAKAGSLVIMDVKTGEILAMTNQPTYNPNNRRNLQP
AAMRNRAMIDVFEPGSTVKPFSMSAALASGRWKPSDIVDVYPGTLQIGRYTIRDVSRNSRQLDLTGILIKSSNVGISKIA
FDIGAESIYSVMQQVGLGQDTGLGFPGERVGNLPNHRKWPKAETATLAYGYGLSVTAIQLAHAYAALANDGKSVPLSMTR
VDRVPDGVQVISPEVASTVQGMLQQVVEAQGGVFRAQVPGYHAAGKSGTARKVSVGTKGYRENAYRSLFAGFAPATDPRI
AMVVVIDEPSKAGYFGGLVSAPVFSKVMAGALRLMNVPPDNLPTAKLVPRG
;
_entity_poly.pdbx_strand_id   A,B
#
# COMPACT_ATOMS: atom_id res chain seq x y z
N GLY A 10 59.97 -11.69 -32.72
CA GLY A 10 58.71 -11.45 -33.38
C GLY A 10 58.17 -10.04 -33.21
N ASP A 11 57.68 -9.74 -32.01
CA ASP A 11 57.05 -8.44 -31.71
C ASP A 11 57.75 -7.83 -30.51
N ALA A 12 58.26 -6.60 -30.68
CA ALA A 12 58.92 -5.91 -29.57
C ALA A 12 57.91 -5.47 -28.51
N ARG A 13 56.80 -4.89 -28.94
CA ARG A 13 55.74 -4.44 -28.06
C ARG A 13 54.41 -4.90 -28.61
N SER A 14 53.33 -4.53 -27.91
CA SER A 14 51.98 -4.75 -28.39
C SER A 14 51.10 -3.62 -27.87
N VAL A 15 50.12 -3.23 -28.68
CA VAL A 15 49.18 -2.18 -28.33
C VAL A 15 47.82 -2.84 -28.13
N ARG A 16 47.41 -2.96 -26.88
CA ARG A 16 46.10 -3.51 -26.55
C ARG A 16 45.10 -2.39 -26.38
N HIS A 17 43.89 -2.60 -26.89
CA HIS A 17 42.81 -1.62 -26.79
C HIS A 17 41.78 -2.11 -25.78
N ILE A 18 41.30 -1.18 -24.95
CA ILE A 18 40.39 -1.48 -23.86
C ILE A 18 39.25 -0.48 -23.91
N ALA A 19 38.02 -0.97 -23.77
CA ALA A 19 36.87 -0.10 -23.65
C ALA A 19 36.71 0.33 -22.19
N ILE A 20 36.35 1.60 -21.99
CA ILE A 20 35.96 2.11 -20.69
C ILE A 20 34.44 1.98 -20.59
N PRO A 21 33.92 1.21 -19.64
CA PRO A 21 32.47 0.96 -19.59
C PRO A 21 31.71 2.23 -19.23
N ALA A 22 30.62 2.49 -19.96
CA ALA A 22 29.75 3.61 -19.65
C ALA A 22 28.77 3.21 -18.57
N HIS A 23 28.49 4.15 -17.66
CA HIS A 23 27.53 3.91 -16.59
C HIS A 23 26.12 3.93 -17.17
N ARG A 24 25.43 2.80 -17.07
CA ARG A 24 24.09 2.71 -17.64
C ARG A 24 23.09 3.52 -16.83
N GLY A 25 22.24 4.26 -17.54
CA GLY A 25 21.22 5.08 -16.93
C GLY A 25 20.40 4.38 -15.86
N LEU A 26 20.16 5.09 -14.77
CA LEU A 26 19.25 4.60 -13.74
C LEU A 26 17.81 4.59 -14.24
N ILE A 27 17.07 3.53 -13.91
CA ILE A 27 15.62 3.49 -14.07
C ILE A 27 14.99 3.66 -12.69
N THR A 28 14.08 4.62 -12.56
CA THR A 28 13.32 4.80 -11.33
C THR A 28 11.83 4.65 -11.64
N ASP A 29 11.06 4.52 -10.58
CA ASP A 29 9.62 4.69 -10.71
C ASP A 29 9.32 6.19 -10.78
N ARG A 30 8.04 6.54 -10.81
CA ARG A 30 7.64 7.93 -10.99
C ARG A 30 8.07 8.83 -9.85
N ASN A 31 8.32 8.28 -8.66
CA ASN A 31 8.74 9.06 -7.49
C ASN A 31 10.23 9.03 -7.27
N GLY A 32 10.98 8.40 -8.16
CA GLY A 32 12.42 8.29 -8.01
C GLY A 32 12.92 7.08 -7.27
N GLU A 33 12.06 6.12 -6.95
CA GLU A 33 12.52 4.89 -6.31
C GLU A 33 13.33 4.08 -7.31
N PRO A 34 14.54 3.64 -6.97
CA PRO A 34 15.36 2.89 -7.94
C PRO A 34 14.73 1.56 -8.33
N LEU A 35 14.63 1.31 -9.63
CA LEU A 35 14.17 0.03 -10.14
C LEU A 35 15.24 -0.76 -10.89
N ALA A 36 16.21 -0.07 -11.49
CA ALA A 36 17.38 -0.67 -12.16
C ALA A 36 18.58 0.23 -11.93
N VAL A 37 19.63 -0.32 -11.32
CA VAL A 37 20.79 0.45 -10.88
C VAL A 37 22.05 -0.23 -11.39
N SER A 38 22.94 0.57 -12.00
CA SER A 38 24.27 0.08 -12.38
C SER A 38 25.15 0.10 -11.14
N THR A 39 25.42 -1.07 -10.58
CA THR A 39 26.22 -0.99 -9.36
C THR A 39 27.68 -1.31 -9.65
N PRO A 40 28.61 -0.58 -9.02
CA PRO A 40 30.04 -0.81 -9.27
C PRO A 40 30.47 -2.21 -8.84
N VAL A 41 31.17 -2.91 -9.73
CA VAL A 41 31.76 -4.21 -9.44
C VAL A 41 33.21 -4.22 -9.88
N THR A 42 33.99 -5.12 -9.26
CA THR A 42 35.43 -5.22 -9.47
C THR A 42 35.75 -6.55 -10.12
N THR A 43 36.31 -6.49 -11.32
CA THR A 43 36.75 -7.67 -12.05
C THR A 43 38.26 -7.83 -11.88
N LEU A 44 38.69 -9.04 -11.56
CA LEU A 44 40.11 -9.33 -11.41
C LEU A 44 40.58 -10.12 -12.63
N TRP A 45 41.68 -9.66 -13.23
CA TRP A 45 42.35 -10.39 -14.30
C TRP A 45 43.81 -10.54 -13.92
N ALA A 46 44.52 -11.36 -14.69
CA ALA A 46 45.89 -11.67 -14.34
C ALA A 46 46.73 -11.85 -15.60
N ASN A 47 47.99 -11.45 -15.50
CA ASN A 47 48.99 -11.84 -16.48
C ASN A 47 49.64 -13.11 -15.96
N PRO A 48 49.33 -14.26 -16.55
CA PRO A 48 49.90 -15.52 -16.05
C PRO A 48 51.41 -15.52 -16.00
N LYS A 49 52.07 -14.91 -17.00
CA LYS A 49 53.53 -14.88 -17.01
C LYS A 49 54.10 -14.22 -15.75
N GLU A 50 53.40 -13.21 -15.21
CA GLU A 50 53.81 -12.69 -13.91
C GLU A 50 53.32 -13.57 -12.78
N LEU A 51 52.08 -14.06 -12.87
CA LEU A 51 51.55 -14.90 -11.81
C LEU A 51 52.39 -16.17 -11.62
N MET A 52 52.94 -16.71 -12.70
CA MET A 52 53.74 -17.93 -12.62
C MET A 52 55.04 -17.74 -11.85
N THR A 53 55.46 -16.50 -11.63
CA THR A 53 56.65 -16.20 -10.86
C THR A 53 56.36 -16.03 -9.37
N ALA A 54 55.12 -16.22 -8.94
CA ALA A 54 54.71 -16.01 -7.57
C ALA A 54 53.83 -17.16 -7.11
N LYS A 55 54.20 -18.39 -7.48
CA LYS A 55 53.35 -19.53 -7.17
C LYS A 55 53.11 -19.70 -5.68
N GLU A 56 54.06 -19.26 -4.84
CA GLU A 56 53.82 -19.54 -3.42
C GLU A 56 52.74 -18.64 -2.83
N ARG A 57 52.33 -17.59 -3.54
CA ARG A 57 51.17 -16.81 -3.13
C ARG A 57 49.84 -17.43 -3.57
N TRP A 58 49.85 -18.40 -4.48
CA TRP A 58 48.59 -18.84 -5.07
C TRP A 58 47.56 -19.37 -4.07
N PRO A 59 47.91 -20.23 -3.10
CA PRO A 59 46.87 -20.72 -2.19
C PRO A 59 46.17 -19.61 -1.42
N GLN A 60 46.90 -18.56 -1.03
CA GLN A 60 46.26 -17.43 -0.36
C GLN A 60 45.35 -16.66 -1.33
N LEU A 61 45.85 -16.40 -2.54
CA LEU A 61 45.03 -15.77 -3.57
C LEU A 61 43.78 -16.59 -3.87
N ALA A 62 43.92 -17.91 -4.01
CA ALA A 62 42.78 -18.76 -4.30
C ALA A 62 41.72 -18.68 -3.20
N ALA A 63 42.16 -18.73 -1.94
CA ALA A 63 41.24 -18.59 -0.82
C ALA A 63 40.50 -17.26 -0.88
N ALA A 64 41.22 -16.17 -1.16
CA ALA A 64 40.58 -14.86 -1.19
C ALA A 64 39.54 -14.80 -2.31
N LEU A 65 39.71 -15.58 -3.35
CA LEU A 65 38.75 -15.63 -4.44
C LEU A 65 37.63 -16.63 -4.18
N GLY A 66 37.71 -17.38 -3.08
CA GLY A 66 36.77 -18.47 -2.86
C GLY A 66 36.90 -19.59 -3.86
N GLN A 67 38.11 -19.86 -4.35
CA GLN A 67 38.33 -20.93 -5.31
C GLN A 67 39.20 -22.02 -4.72
N ASP A 68 38.99 -23.25 -5.21
CA ASP A 68 39.80 -24.39 -4.79
C ASP A 68 41.26 -24.19 -5.15
N THR A 69 42.15 -24.48 -4.19
CA THR A 69 43.58 -24.29 -4.39
C THR A 69 44.06 -24.95 -5.68
N LYS A 70 43.73 -26.23 -5.86
CA LYS A 70 44.26 -26.94 -7.00
C LYS A 70 43.55 -26.55 -8.31
N LEU A 71 42.25 -26.30 -8.25
CA LEU A 71 41.55 -25.87 -9.46
C LEU A 71 42.06 -24.51 -9.93
N PHE A 72 42.27 -23.60 -8.98
CA PHE A 72 42.90 -22.33 -9.32
C PHE A 72 44.26 -22.56 -9.97
N ALA A 73 45.11 -23.39 -9.36
CA ALA A 73 46.44 -23.61 -9.90
C ALA A 73 46.40 -24.23 -11.28
N ASP A 74 45.49 -25.21 -11.49
CA ASP A 74 45.29 -25.80 -12.81
C ASP A 74 44.96 -24.72 -13.85
N ARG A 75 44.07 -23.80 -13.49
CA ARG A 75 43.62 -22.77 -14.41
C ARG A 75 44.78 -21.86 -14.82
N ILE A 76 45.64 -21.51 -13.87
CA ILE A 76 46.78 -20.67 -14.23
C ILE A 76 47.76 -21.45 -15.09
N GLU A 77 48.11 -22.67 -14.66
CA GLU A 77 49.11 -23.46 -15.39
C GLU A 77 48.65 -23.74 -16.81
N GLN A 78 47.36 -24.02 -16.99
CA GLN A 78 46.84 -24.31 -18.32
C GLN A 78 46.87 -23.09 -19.24
N ASN A 79 46.90 -21.89 -18.68
CA ASN A 79 46.95 -20.67 -19.46
C ASN A 79 48.28 -19.92 -19.29
N ALA A 80 49.36 -20.66 -19.04
CA ALA A 80 50.61 -20.03 -18.63
C ALA A 80 51.21 -19.16 -19.72
N GLU A 81 50.85 -19.37 -20.98
CA GLU A 81 51.40 -18.59 -22.08
C GLU A 81 50.57 -17.35 -22.40
N ARG A 82 49.28 -17.37 -22.09
CA ARG A 82 48.43 -16.23 -22.40
C ARG A 82 48.85 -15.02 -21.59
N GLU A 83 48.77 -13.85 -22.21
CA GLU A 83 49.08 -12.61 -21.51
C GLU A 83 47.92 -12.09 -20.69
N PHE A 84 46.79 -12.81 -20.66
CA PHE A 84 45.59 -12.30 -20.02
C PHE A 84 44.62 -13.46 -19.81
N ILE A 85 44.14 -13.61 -18.58
CA ILE A 85 42.93 -14.37 -18.28
C ILE A 85 42.18 -13.61 -17.20
N TYR A 86 40.86 -13.82 -17.18
CA TYR A 86 40.05 -13.34 -16.08
C TYR A 86 40.18 -14.31 -14.92
N LEU A 87 40.38 -13.77 -13.71
CA LEU A 87 40.31 -14.60 -12.51
C LEU A 87 38.88 -14.72 -12.00
N VAL A 88 38.15 -13.61 -11.97
CA VAL A 88 36.75 -13.58 -11.58
C VAL A 88 36.17 -12.24 -12.01
N ARG A 89 34.97 -12.24 -12.57
CA ARG A 89 34.32 -11.00 -12.98
C ARG A 89 33.24 -10.64 -11.96
N GLY A 90 33.16 -9.37 -11.63
CA GLY A 90 32.01 -8.88 -10.90
C GLY A 90 31.95 -9.17 -9.42
N LEU A 91 33.10 -9.21 -8.73
CA LEU A 91 33.08 -9.18 -7.28
C LEU A 91 32.54 -7.83 -6.79
N THR A 92 32.11 -7.80 -5.53
CA THR A 92 31.79 -6.53 -4.91
C THR A 92 33.05 -5.72 -4.75
N PRO A 93 32.95 -4.38 -4.73
CA PRO A 93 34.16 -3.58 -4.47
C PRO A 93 34.89 -3.99 -3.22
N GLU A 94 34.17 -4.41 -2.18
CA GLU A 94 34.81 -4.77 -0.92
C GLU A 94 35.55 -6.09 -1.03
N GLN A 95 34.97 -7.07 -1.73
CA GLN A 95 35.67 -8.32 -1.98
C GLN A 95 36.90 -8.10 -2.84
N GLY A 96 36.78 -7.30 -3.90
CA GLY A 96 37.93 -6.97 -4.70
C GLY A 96 39.02 -6.27 -3.92
N GLU A 97 38.63 -5.49 -2.90
CA GLU A 97 39.57 -4.69 -2.13
C GLU A 97 40.47 -5.54 -1.24
N GLY A 98 39.95 -6.65 -0.72
CA GLY A 98 40.77 -7.54 0.07
C GLY A 98 41.73 -8.37 -0.76
N VAL A 99 41.37 -8.65 -2.01
CA VAL A 99 42.26 -9.39 -2.89
C VAL A 99 43.39 -8.49 -3.39
N ILE A 100 43.06 -7.26 -3.77
CA ILE A 100 44.09 -6.30 -4.18
C ILE A 100 45.11 -6.08 -3.08
N ALA A 101 44.67 -6.12 -1.82
CA ALA A 101 45.58 -5.87 -0.71
C ALA A 101 46.59 -6.99 -0.53
N LEU A 102 46.35 -8.18 -1.11
CA LEU A 102 47.36 -9.23 -1.04
C LEU A 102 48.61 -8.89 -1.85
N LYS A 103 48.51 -7.97 -2.81
CA LYS A 103 49.66 -7.52 -3.59
C LYS A 103 50.39 -8.70 -4.23
N VAL A 104 49.63 -9.58 -4.87
CA VAL A 104 50.22 -10.71 -5.59
C VAL A 104 50.70 -10.23 -6.97
N PRO A 105 51.92 -10.53 -7.36
CA PRO A 105 52.39 -10.13 -8.70
C PRO A 105 51.47 -10.65 -9.80
N GLY A 106 51.14 -9.77 -10.73
CA GLY A 106 50.38 -10.16 -11.89
C GLY A 106 48.87 -10.12 -11.74
N VAL A 107 48.36 -9.77 -10.55
CA VAL A 107 46.93 -9.63 -10.32
C VAL A 107 46.56 -8.15 -10.37
N TYR A 108 45.55 -7.81 -11.17
CA TYR A 108 45.14 -6.43 -11.38
C TYR A 108 43.62 -6.35 -11.47
N SER A 109 43.08 -5.14 -11.29
CA SER A 109 41.65 -4.93 -11.15
C SER A 109 41.10 -3.99 -12.21
N ILE A 110 39.85 -4.25 -12.61
CA ILE A 110 39.08 -3.39 -13.50
C ILE A 110 37.73 -3.12 -12.86
N GLU A 111 37.35 -1.85 -12.78
CA GLU A 111 36.03 -1.48 -12.30
C GLU A 111 35.04 -1.58 -13.45
N GLU A 112 33.93 -2.28 -13.22
CA GLU A 112 32.84 -2.26 -14.18
C GLU A 112 31.52 -2.21 -13.41
N PHE A 113 30.42 -2.40 -14.12
CA PHE A 113 29.09 -2.24 -13.57
C PHE A 113 28.26 -3.49 -13.83
N ARG A 114 27.42 -3.83 -12.86
N ARG A 114 27.43 -3.86 -12.87
CA ARG A 114 26.41 -4.89 -13.00
CA ARG A 114 26.41 -4.86 -13.12
C ARG A 114 25.05 -4.31 -12.64
C ARG A 114 25.06 -4.33 -12.67
N ARG A 115 24.05 -4.62 -13.47
CA ARG A 115 22.71 -4.14 -13.19
C ARG A 115 22.14 -4.85 -11.98
N PHE A 116 21.54 -4.09 -11.07
CA PHE A 116 20.82 -4.66 -9.94
C PHE A 116 19.39 -4.14 -9.95
N TYR A 117 18.43 -5.00 -9.63
CA TYR A 117 17.00 -4.66 -9.69
C TYR A 117 16.42 -4.71 -8.28
N PRO A 118 16.36 -3.57 -7.58
CA PRO A 118 16.01 -3.60 -6.15
C PRO A 118 14.63 -4.16 -5.85
N ALA A 119 13.66 -4.00 -6.76
CA ALA A 119 12.32 -4.54 -6.54
C ALA A 119 12.14 -5.97 -7.07
N GLY A 120 13.15 -6.53 -7.73
CA GLY A 120 13.10 -7.94 -8.11
C GLY A 120 11.87 -8.31 -8.93
N GLU A 121 11.22 -9.40 -8.52
CA GLU A 121 10.08 -9.94 -9.27
C GLU A 121 8.88 -9.00 -9.31
N VAL A 122 8.85 -7.97 -8.47
CA VAL A 122 7.65 -7.14 -8.38
C VAL A 122 7.47 -6.29 -9.63
N VAL A 123 8.56 -5.95 -10.33
CA VAL A 123 8.37 -5.11 -11.51
C VAL A 123 9.23 -5.66 -12.63
N ALA A 124 9.45 -6.99 -12.62
CA ALA A 124 10.37 -7.59 -13.57
C ALA A 124 9.82 -7.56 -15.00
N HIS A 125 8.51 -7.77 -15.18
CA HIS A 125 7.94 -7.74 -16.52
C HIS A 125 8.04 -6.37 -17.17
N ALA A 126 7.82 -5.29 -16.41
CA ALA A 126 7.90 -3.96 -16.99
C ALA A 126 9.35 -3.59 -17.25
N VAL A 127 10.23 -3.78 -16.27
CA VAL A 127 11.60 -3.31 -16.38
C VAL A 127 12.41 -4.17 -17.34
N GLY A 128 12.20 -5.48 -17.34
CA GLY A 128 13.07 -6.34 -18.10
C GLY A 128 14.47 -6.47 -17.49
N PHE A 129 15.46 -6.71 -18.33
CA PHE A 129 16.81 -6.91 -17.82
C PHE A 129 17.81 -6.76 -18.96
N THR A 130 19.09 -6.68 -18.57
CA THR A 130 20.24 -6.68 -19.46
C THR A 130 20.93 -8.03 -19.43
N ASP A 131 21.63 -8.33 -20.52
CA ASP A 131 22.47 -9.52 -20.59
C ASP A 131 23.79 -9.27 -19.87
N VAL A 132 24.74 -10.20 -20.03
CA VAL A 132 26.05 -10.06 -19.42
C VAL A 132 26.83 -8.88 -20.03
N ASP A 133 26.59 -8.59 -21.30
CA ASP A 133 27.21 -7.44 -21.96
C ASP A 133 26.54 -6.12 -21.62
N ASP A 134 25.64 -6.12 -20.62
CA ASP A 134 24.98 -4.91 -20.13
C ASP A 134 24.10 -4.27 -21.21
N ARG A 135 23.63 -5.07 -22.16
CA ARG A 135 22.70 -4.58 -23.18
C ARG A 135 21.28 -5.04 -22.84
N GLY A 136 20.32 -4.13 -23.01
CA GLY A 136 18.91 -4.41 -22.76
C GLY A 136 18.41 -5.58 -23.59
N ARG A 137 17.82 -6.58 -22.95
CA ARG A 137 17.32 -7.77 -23.63
C ARG A 137 15.81 -7.92 -23.59
N GLU A 138 15.16 -7.43 -22.53
CA GLU A 138 13.72 -7.56 -22.36
C GLU A 138 13.18 -6.27 -21.77
N GLY A 139 11.89 -6.01 -22.04
CA GLY A 139 11.17 -4.95 -21.35
C GLY A 139 11.71 -3.56 -21.66
N ILE A 140 11.60 -2.70 -20.65
CA ILE A 140 12.03 -1.30 -20.77
C ILE A 140 13.53 -1.23 -21.04
N GLU A 141 14.31 -2.08 -20.37
CA GLU A 141 15.75 -2.15 -20.63
C GLU A 141 16.03 -2.30 -22.11
N LEU A 142 15.21 -3.09 -22.81
CA LEU A 142 15.41 -3.24 -24.24
C LEU A 142 14.82 -2.06 -25.01
N ALA A 143 13.58 -1.69 -24.69
CA ALA A 143 12.88 -0.66 -25.45
C ALA A 143 13.61 0.67 -25.38
N PHE A 144 14.14 1.03 -24.21
CA PHE A 144 14.89 2.26 -24.03
C PHE A 144 16.39 2.03 -23.96
N ASP A 145 16.90 1.03 -24.68
CA ASP A 145 18.31 0.68 -24.51
C ASP A 145 19.23 1.80 -24.97
N GLU A 146 18.93 2.44 -26.10
CA GLU A 146 19.80 3.51 -26.58
C GLU A 146 19.85 4.66 -25.58
N TRP A 147 18.69 5.05 -25.07
CA TRP A 147 18.58 6.08 -24.05
C TRP A 147 19.40 5.72 -22.82
N LEU A 148 19.31 4.47 -22.38
CA LEU A 148 19.94 4.05 -21.14
C LEU A 148 21.42 3.76 -21.30
N ALA A 149 21.88 3.41 -22.50
CA ALA A 149 23.17 2.74 -22.63
C ALA A 149 24.36 3.67 -22.44
N GLY A 150 24.29 4.88 -22.99
CA GLY A 150 25.42 5.77 -22.95
C GLY A 150 26.49 5.40 -23.98
N VAL A 151 27.66 6.02 -23.82
CA VAL A 151 28.73 5.87 -24.81
C VAL A 151 30.02 5.49 -24.11
N PRO A 152 30.48 4.25 -24.25
CA PRO A 152 31.71 3.83 -23.56
C PRO A 152 32.93 4.58 -24.07
N GLY A 153 34.01 4.46 -23.31
CA GLY A 153 35.28 5.06 -23.65
C GLY A 153 36.26 4.04 -24.22
N LYS A 154 37.50 4.49 -24.37
CA LYS A 154 38.55 3.63 -24.90
C LYS A 154 39.89 4.03 -24.29
N ARG A 155 40.64 3.04 -23.84
CA ARG A 155 42.01 3.19 -23.37
C ARG A 155 42.95 2.40 -24.26
N GLN A 156 44.22 2.80 -24.25
CA GLN A 156 45.27 2.07 -24.95
C GLN A 156 46.32 1.67 -23.93
N VAL A 157 46.77 0.42 -24.01
CA VAL A 157 47.78 -0.11 -23.10
C VAL A 157 48.95 -0.62 -23.92
N LEU A 158 50.15 -0.18 -23.58
CA LEU A 158 51.37 -0.67 -24.20
C LEU A 158 51.93 -1.78 -23.33
N LYS A 159 51.98 -3.00 -23.87
CA LYS A 159 52.34 -4.19 -23.11
C LYS A 159 53.73 -4.68 -23.49
N ASP A 160 54.23 -5.59 -22.66
CA ASP A 160 55.56 -6.17 -22.79
C ASP A 160 55.58 -7.27 -23.85
N ARG A 161 56.78 -7.77 -24.12
CA ARG A 161 56.89 -9.07 -24.75
C ARG A 161 56.41 -10.18 -23.83
N ARG A 162 56.30 -9.90 -22.53
CA ARG A 162 55.79 -10.84 -21.53
C ARG A 162 54.44 -10.40 -20.96
N GLY A 163 53.70 -9.57 -21.70
CA GLY A 163 52.36 -9.19 -21.31
C GLY A 163 52.24 -8.24 -20.14
N ARG A 164 53.37 -7.78 -19.59
CA ARG A 164 53.35 -6.79 -18.52
C ARG A 164 53.10 -5.41 -19.13
N VAL A 165 52.13 -4.68 -18.57
CA VAL A 165 51.74 -3.38 -19.12
C VAL A 165 52.82 -2.38 -18.73
N ILE A 166 53.72 -2.05 -19.65
CA ILE A 166 54.86 -1.19 -19.33
C ILE A 166 54.42 0.25 -19.24
N LYS A 167 53.71 0.74 -20.25
CA LYS A 167 53.22 2.11 -20.26
C LYS A 167 51.82 2.16 -19.66
N ASP A 168 51.61 3.09 -18.73
CA ASP A 168 50.30 3.28 -18.13
C ASP A 168 49.28 3.57 -19.21
N VAL A 169 48.07 3.05 -19.02
CA VAL A 169 47.00 3.20 -20.00
C VAL A 169 46.82 4.67 -20.34
N GLN A 170 46.44 4.96 -21.59
CA GLN A 170 46.11 6.31 -22.02
C GLN A 170 44.67 6.35 -22.46
N VAL A 171 43.93 7.37 -22.02
CA VAL A 171 42.49 7.47 -22.25
C VAL A 171 42.26 8.21 -23.56
N THR A 172 41.74 7.49 -24.56
CA THR A 172 41.32 8.11 -25.82
C THR A 172 40.04 8.91 -25.62
N LYS A 173 38.92 8.20 -25.50
CA LYS A 173 37.61 8.82 -25.34
C LYS A 173 37.10 8.58 -23.92
N ASN A 174 36.49 9.61 -23.32
CA ASN A 174 35.83 9.44 -22.04
C ASN A 174 34.59 8.56 -22.21
N ALA A 175 34.05 8.11 -21.09
CA ALA A 175 32.81 7.34 -21.09
C ALA A 175 31.64 8.28 -20.83
N LYS A 176 30.69 8.32 -21.77
CA LYS A 176 29.51 9.16 -21.65
C LYS A 176 28.40 8.37 -20.98
N PRO A 177 27.90 8.79 -19.82
CA PRO A 177 26.91 8.00 -19.09
C PRO A 177 25.59 7.92 -19.84
N GLY A 178 24.83 6.86 -19.54
CA GLY A 178 23.47 6.76 -20.01
C GLY A 178 22.55 7.71 -19.25
N LYS A 179 21.34 7.87 -19.78
CA LYS A 179 20.37 8.81 -19.23
C LYS A 179 19.43 8.14 -18.24
N THR A 180 19.10 8.87 -17.17
CA THR A 180 18.09 8.43 -16.23
C THR A 180 16.73 8.35 -16.92
N LEU A 181 15.93 7.35 -16.54
CA LEU A 181 14.59 7.15 -17.07
C LEU A 181 13.64 6.92 -15.91
N ALA A 182 12.60 7.75 -15.82
CA ALA A 182 11.59 7.63 -14.78
C ALA A 182 10.33 7.05 -15.39
N LEU A 183 9.93 5.87 -14.91
CA LEU A 183 8.75 5.19 -15.41
C LEU A 183 7.46 5.84 -14.90
N SER A 184 6.35 5.51 -15.58
CA SER A 184 5.04 5.93 -15.07
C SER A 184 4.64 5.15 -13.82
N ILE A 185 5.20 3.95 -13.64
CA ILE A 185 4.83 3.09 -12.53
C ILE A 185 5.05 3.79 -11.19
N ASP A 186 4.06 3.66 -10.30
CA ASP A 186 4.22 4.04 -8.90
C ASP A 186 4.49 2.76 -8.13
N LEU A 187 5.69 2.65 -7.55
CA LEU A 187 6.12 1.38 -6.96
C LEU A 187 5.24 0.97 -5.79
N ARG A 188 4.71 1.94 -5.04
CA ARG A 188 3.76 1.62 -3.97
C ARG A 188 2.52 0.90 -4.52
N LEU A 189 1.91 1.46 -5.56
CA LEU A 189 0.79 0.77 -6.19
C LEU A 189 1.24 -0.55 -6.80
N GLN A 190 2.46 -0.59 -7.32
CA GLN A 190 2.93 -1.82 -7.95
C GLN A 190 3.03 -2.95 -6.94
N TYR A 191 3.59 -2.67 -5.74
CA TYR A 191 3.67 -3.70 -4.71
C TYR A 191 2.28 -4.17 -4.30
N LEU A 192 1.35 -3.23 -4.12
CA LEU A 192 -0.02 -3.57 -3.77
C LEU A 192 -0.65 -4.48 -4.82
N ALA A 193 -0.56 -4.06 -6.09
CA ALA A 193 -1.10 -4.88 -7.17
C ALA A 193 -0.44 -6.25 -7.20
N HIS A 194 0.88 -6.30 -7.07
CA HIS A 194 1.62 -7.56 -7.13
C HIS A 194 1.14 -8.51 -6.05
N ARG A 195 1.03 -8.02 -4.81
N ARG A 195 1.10 -8.02 -4.81
CA ARG A 195 0.69 -8.89 -3.70
CA ARG A 195 0.66 -8.80 -3.65
C ARG A 195 -0.77 -9.36 -3.78
C ARG A 195 -0.74 -9.35 -3.86
N GLU A 196 -1.68 -8.48 -4.19
CA GLU A 196 -3.08 -8.91 -4.25
C GLU A 196 -3.34 -9.85 -5.41
N LEU A 197 -2.72 -9.59 -6.56
CA LEU A 197 -2.89 -10.53 -7.67
C LEU A 197 -2.36 -11.91 -7.31
N ARG A 198 -1.14 -11.96 -6.73
CA ARG A 198 -0.53 -13.23 -6.36
CA ARG A 198 -0.55 -13.24 -6.38
C ARG A 198 -1.42 -14.00 -5.39
N ASN A 199 -1.95 -13.31 -4.38
CA ASN A 199 -2.80 -13.99 -3.38
C ASN A 199 -4.07 -14.52 -4.03
N ALA A 200 -4.66 -13.74 -4.92
CA ALA A 200 -5.86 -14.17 -5.63
C ALA A 200 -5.58 -15.39 -6.49
N LEU A 201 -4.45 -15.39 -7.21
CA LEU A 201 -4.07 -16.57 -7.98
C LEU A 201 -3.98 -17.80 -7.10
N LEU A 202 -3.33 -17.66 -5.93
CA LEU A 202 -3.17 -18.80 -5.04
C LEU A 202 -4.52 -19.27 -4.49
N GLU A 203 -5.35 -18.33 -4.03
CA GLU A 203 -6.67 -18.70 -3.53
C GLU A 203 -7.49 -19.43 -4.59
N ASN A 204 -7.44 -18.97 -5.83
CA ASN A 204 -8.29 -19.52 -6.88
C ASN A 204 -7.64 -20.65 -7.66
N GLY A 205 -6.39 -21.00 -7.36
CA GLY A 205 -5.70 -22.02 -8.13
C GLY A 205 -5.58 -21.70 -9.60
N ALA A 206 -5.41 -20.43 -9.95
CA ALA A 206 -5.40 -20.02 -11.35
C ALA A 206 -4.01 -20.23 -11.96
N LYS A 207 -3.99 -20.33 -13.29
CA LYS A 207 -2.74 -20.56 -14.02
C LYS A 207 -1.90 -19.28 -14.16
N ALA A 208 -2.55 -18.13 -14.34
CA ALA A 208 -1.84 -16.89 -14.58
C ALA A 208 -2.79 -15.73 -14.33
N GLY A 209 -2.23 -14.52 -14.37
CA GLY A 209 -3.07 -13.33 -14.22
C GLY A 209 -2.32 -12.07 -14.59
N SER A 210 -3.10 -11.00 -14.76
CA SER A 210 -2.57 -9.67 -15.02
C SER A 210 -3.44 -8.64 -14.29
N LEU A 211 -2.78 -7.53 -13.93
CA LEU A 211 -3.47 -6.41 -13.31
C LEU A 211 -2.81 -5.13 -13.81
N VAL A 212 -3.62 -4.25 -14.39
CA VAL A 212 -3.17 -2.95 -14.87
C VAL A 212 -3.91 -1.86 -14.11
N ILE A 213 -3.17 -0.86 -13.65
CA ILE A 213 -3.74 0.36 -13.11
C ILE A 213 -3.26 1.52 -13.97
N MET A 214 -4.19 2.35 -14.43
CA MET A 214 -3.77 3.56 -15.09
C MET A 214 -4.46 4.82 -14.56
N ASP A 215 -3.77 5.94 -14.75
CA ASP A 215 -4.25 7.26 -14.39
C ASP A 215 -5.12 7.77 -15.54
N VAL A 216 -6.42 7.92 -15.27
CA VAL A 216 -7.34 8.31 -16.35
C VAL A 216 -7.08 9.74 -16.80
N LYS A 217 -6.40 10.56 -16.00
CA LYS A 217 -6.20 11.96 -16.35
C LYS A 217 -4.90 12.22 -17.09
N THR A 218 -3.92 11.32 -16.99
CA THR A 218 -2.61 11.53 -17.59
C THR A 218 -2.20 10.47 -18.59
N GLY A 219 -2.97 9.38 -18.71
CA GLY A 219 -2.58 8.23 -19.51
C GLY A 219 -1.46 7.38 -18.96
N GLU A 220 -0.98 7.65 -17.75
CA GLU A 220 0.17 6.94 -17.21
C GLU A 220 -0.19 5.54 -16.74
N ILE A 221 0.68 4.58 -17.03
CA ILE A 221 0.53 3.23 -16.46
C ILE A 221 1.14 3.25 -15.06
N LEU A 222 0.26 3.30 -14.04
CA LEU A 222 0.70 3.35 -12.64
C LEU A 222 1.12 1.98 -12.07
N ALA A 223 0.54 0.89 -12.57
CA ALA A 223 0.96 -0.44 -12.15
C ALA A 223 0.68 -1.40 -13.29
N MET A 224 1.54 -2.41 -13.41
CA MET A 224 1.39 -3.44 -14.44
C MET A 224 2.12 -4.66 -13.91
N THR A 225 1.36 -5.62 -13.42
CA THR A 225 1.92 -6.82 -12.82
C THR A 225 1.28 -8.05 -13.48
N ASN A 226 2.04 -9.14 -13.51
CA ASN A 226 1.55 -10.42 -13.99
C ASN A 226 2.10 -11.54 -13.10
N GLN A 227 1.39 -12.67 -13.12
CA GLN A 227 1.82 -13.96 -12.59
C GLN A 227 1.72 -15.00 -13.69
N PRO A 228 2.68 -15.94 -13.80
CA PRO A 228 3.89 -16.02 -12.96
C PRO A 228 4.86 -14.88 -13.25
N THR A 229 5.80 -14.68 -12.34
CA THR A 229 6.86 -13.69 -12.56
C THR A 229 8.18 -14.37 -12.20
N TYR A 230 9.27 -13.62 -12.18
CA TYR A 230 10.59 -14.21 -11.99
C TYR A 230 11.49 -13.18 -11.34
N ASN A 231 12.56 -13.67 -10.74
CA ASN A 231 13.56 -12.81 -10.13
C ASN A 231 14.62 -12.42 -11.15
N PRO A 232 14.58 -11.19 -11.67
CA PRO A 232 15.58 -10.80 -12.68
C PRO A 232 17.00 -10.80 -12.15
N ASN A 233 17.19 -10.78 -10.83
CA ASN A 233 18.54 -10.77 -10.28
C ASN A 233 19.17 -12.15 -10.26
N ASN A 234 18.40 -13.19 -10.49
CA ASN A 234 18.90 -14.56 -10.49
C ASN A 234 18.02 -15.35 -11.45
N ARG A 235 18.45 -15.41 -12.71
CA ARG A 235 17.65 -16.02 -13.76
C ARG A 235 17.96 -17.49 -13.97
N ARG A 236 18.61 -18.14 -13.01
CA ARG A 236 18.84 -19.59 -13.11
C ARG A 236 17.51 -20.34 -13.10
N ASN A 237 17.39 -21.30 -14.00
CA ASN A 237 16.17 -22.09 -14.16
C ASN A 237 14.95 -21.23 -14.48
N LEU A 238 15.19 -20.06 -15.09
CA LEU A 238 14.09 -19.22 -15.52
C LEU A 238 13.36 -19.85 -16.72
N GLN A 239 12.03 -19.99 -16.59
CA GLN A 239 11.27 -20.56 -17.69
C GLN A 239 10.58 -19.47 -18.51
N PRO A 240 10.42 -19.71 -19.82
CA PRO A 240 9.89 -18.66 -20.71
C PRO A 240 8.53 -18.12 -20.30
N ALA A 241 7.61 -18.97 -19.89
CA ALA A 241 6.28 -18.51 -19.53
C ALA A 241 6.32 -17.44 -18.44
N ALA A 242 7.26 -17.57 -17.49
CA ALA A 242 7.39 -16.61 -16.40
C ALA A 242 7.89 -15.24 -16.86
N MET A 243 8.55 -15.18 -18.02
CA MET A 243 9.10 -13.91 -18.52
C MET A 243 8.04 -13.02 -19.17
N ARG A 244 6.86 -13.53 -19.46
CA ARG A 244 5.92 -12.82 -20.31
C ARG A 244 5.27 -11.67 -19.55
N ASN A 245 5.37 -10.46 -20.10
CA ASN A 245 4.53 -9.36 -19.64
C ASN A 245 3.15 -9.53 -20.28
N ARG A 246 2.35 -10.42 -19.69
CA ARG A 246 1.07 -10.80 -20.29
C ARG A 246 0.13 -9.62 -20.49
N ALA A 247 0.19 -8.60 -19.62
CA ALA A 247 -0.67 -7.44 -19.78
C ALA A 247 -0.49 -6.75 -21.13
N MET A 248 0.68 -6.89 -21.74
CA MET A 248 1.01 -6.24 -23.00
C MET A 248 1.17 -7.19 -24.17
N ILE A 249 1.61 -8.42 -23.93
CA ILE A 249 1.96 -9.31 -25.03
C ILE A 249 1.04 -10.53 -25.13
N ASP A 250 0.01 -10.63 -24.28
CA ASP A 250 -0.98 -11.70 -24.42
C ASP A 250 -2.33 -11.07 -24.79
N VAL A 251 -3.10 -11.76 -25.63
CA VAL A 251 -4.43 -11.26 -25.99
C VAL A 251 -5.49 -12.20 -25.46
N PHE A 252 -6.70 -11.66 -25.26
CA PHE A 252 -7.83 -12.43 -24.75
C PHE A 252 -9.12 -11.81 -25.27
N GLU A 253 -10.20 -12.61 -25.27
N GLU A 253 -10.21 -12.57 -25.23
CA GLU A 253 -11.53 -12.07 -25.56
CA GLU A 253 -11.52 -12.05 -25.60
C GLU A 253 -12.01 -11.27 -24.35
C GLU A 253 -12.13 -11.32 -24.41
N PRO A 254 -12.45 -10.03 -24.52
CA PRO A 254 -12.91 -9.26 -23.36
C PRO A 254 -14.31 -9.58 -22.90
N GLY A 255 -15.13 -10.25 -23.73
CA GLY A 255 -16.49 -10.63 -23.29
C GLY A 255 -17.33 -9.46 -22.81
N SER A 256 -18.04 -9.70 -21.69
CA SER A 256 -19.01 -8.75 -21.18
C SER A 256 -18.39 -7.41 -20.83
N THR A 257 -17.05 -7.33 -20.70
CA THR A 257 -16.47 -6.04 -20.34
C THR A 257 -16.50 -5.02 -21.47
N VAL A 258 -16.80 -5.43 -22.71
CA VAL A 258 -17.00 -4.41 -23.75
C VAL A 258 -18.44 -3.95 -23.89
N LYS A 259 -19.39 -4.53 -23.16
CA LYS A 259 -20.77 -4.05 -23.27
C LYS A 259 -20.95 -2.56 -22.97
N PRO A 260 -20.20 -1.91 -22.08
CA PRO A 260 -20.36 -0.45 -21.94
C PRO A 260 -20.03 0.32 -23.21
N PHE A 261 -19.18 -0.23 -24.08
CA PHE A 261 -18.89 0.44 -25.34
C PHE A 261 -20.00 0.21 -26.34
N SER A 262 -20.58 -1.00 -26.37
CA SER A 262 -21.80 -1.22 -27.12
C SER A 262 -22.92 -0.28 -26.67
N MET A 263 -23.06 -0.08 -25.35
CA MET A 263 -24.08 0.82 -24.83
C MET A 263 -23.78 2.26 -25.22
N SER A 264 -22.48 2.64 -25.25
CA SER A 264 -22.10 3.97 -25.69
C SER A 264 -22.54 4.21 -27.12
N ALA A 265 -22.36 3.22 -28.00
CA ALA A 265 -22.84 3.37 -29.37
C ALA A 265 -24.37 3.48 -29.42
N ALA A 266 -25.07 2.72 -28.58
CA ALA A 266 -26.53 2.80 -28.56
C ALA A 266 -27.01 4.20 -28.19
N LEU A 267 -26.37 4.81 -27.19
CA LEU A 267 -26.79 6.14 -26.76
C LEU A 267 -26.35 7.22 -27.74
N ALA A 268 -25.23 7.02 -28.43
CA ALA A 268 -24.80 7.94 -29.47
C ALA A 268 -25.64 7.81 -30.74
N SER A 269 -26.44 6.75 -30.86
CA SER A 269 -27.14 6.46 -32.11
C SER A 269 -28.37 7.35 -32.30
N GLY A 270 -28.89 7.97 -31.25
CA GLY A 270 -30.17 8.63 -31.33
C GLY A 270 -31.36 7.71 -31.24
N ARG A 271 -31.15 6.39 -31.16
CA ARG A 271 -32.24 5.43 -31.17
C ARG A 271 -32.60 4.91 -29.78
N TRP A 272 -31.79 5.19 -28.76
CA TRP A 272 -31.93 4.61 -27.43
C TRP A 272 -31.71 5.65 -26.35
N LYS A 273 -32.47 5.56 -25.27
CA LYS A 273 -32.26 6.37 -24.08
CA LYS A 273 -32.29 6.38 -24.08
C LYS A 273 -32.29 5.47 -22.85
N PRO A 274 -31.64 5.90 -21.74
CA PRO A 274 -31.46 4.97 -20.60
C PRO A 274 -32.73 4.31 -20.07
N SER A 275 -33.86 5.02 -20.06
CA SER A 275 -35.08 4.43 -19.54
C SER A 275 -35.74 3.45 -20.51
N ASP A 276 -35.20 3.26 -21.71
CA ASP A 276 -35.77 2.27 -22.60
C ASP A 276 -35.64 0.89 -21.99
N ILE A 277 -36.59 0.03 -22.33
CA ILE A 277 -36.55 -1.35 -21.83
C ILE A 277 -36.36 -2.28 -23.02
N VAL A 278 -35.71 -3.41 -22.75
CA VAL A 278 -35.60 -4.53 -23.69
C VAL A 278 -36.16 -5.77 -23.01
N ASP A 279 -36.95 -6.54 -23.75
CA ASP A 279 -37.47 -7.83 -23.28
C ASP A 279 -36.41 -8.89 -23.59
N VAL A 280 -35.77 -9.42 -22.55
CA VAL A 280 -34.74 -10.46 -22.75
C VAL A 280 -35.27 -11.89 -22.46
N TYR A 281 -36.55 -12.04 -22.12
CA TYR A 281 -37.10 -13.37 -21.87
C TYR A 281 -36.97 -14.22 -23.12
N PRO A 282 -36.63 -15.50 -23.00
CA PRO A 282 -36.39 -16.29 -21.78
C PRO A 282 -34.91 -16.47 -21.44
N GLY A 283 -34.12 -15.44 -21.68
CA GLY A 283 -32.71 -15.52 -21.40
C GLY A 283 -31.92 -16.18 -22.51
N THR A 284 -32.55 -16.43 -23.65
CA THR A 284 -31.86 -16.95 -24.83
C THR A 284 -32.36 -16.22 -26.05
N LEU A 285 -31.59 -16.31 -27.13
CA LEU A 285 -32.01 -15.72 -28.40
C LEU A 285 -31.37 -16.52 -29.52
N GLN A 286 -32.20 -17.02 -30.43
CA GLN A 286 -31.76 -17.94 -31.48
C GLN A 286 -31.50 -17.18 -32.77
N ILE A 287 -30.30 -17.34 -33.31
CA ILE A 287 -29.88 -16.74 -34.58
C ILE A 287 -29.40 -17.90 -35.42
N GLY A 288 -30.20 -18.27 -36.41
CA GLY A 288 -29.92 -19.48 -37.16
C GLY A 288 -29.79 -20.66 -36.23
N ARG A 289 -28.69 -21.39 -36.39
CA ARG A 289 -28.37 -22.56 -35.59
C ARG A 289 -27.77 -22.20 -34.23
N TYR A 290 -27.47 -20.93 -33.98
CA TYR A 290 -26.80 -20.52 -32.76
C TYR A 290 -27.79 -19.95 -31.77
N THR A 291 -27.50 -20.17 -30.48
CA THR A 291 -28.34 -19.65 -29.40
C THR A 291 -27.50 -18.75 -28.51
N ILE A 292 -27.81 -17.46 -28.51
CA ILE A 292 -27.22 -16.54 -27.55
C ILE A 292 -27.87 -16.79 -26.19
N ARG A 293 -27.05 -16.93 -25.14
CA ARG A 293 -27.55 -17.32 -23.83
C ARG A 293 -27.09 -16.37 -22.74
N ASP A 294 -28.02 -15.99 -21.86
CA ASP A 294 -27.65 -15.29 -20.63
C ASP A 294 -27.34 -16.29 -19.54
N VAL A 295 -26.58 -15.85 -18.55
CA VAL A 295 -26.28 -16.72 -17.41
C VAL A 295 -27.46 -16.76 -16.46
N SER A 296 -27.93 -15.60 -16.05
CA SER A 296 -29.15 -15.48 -15.26
C SER A 296 -30.30 -15.29 -16.23
N ARG A 297 -31.23 -16.21 -16.20
CA ARG A 297 -32.30 -16.29 -17.18
C ARG A 297 -33.64 -16.19 -16.50
N ASN A 298 -33.74 -15.31 -15.51
CA ASN A 298 -35.00 -15.04 -14.82
C ASN A 298 -35.44 -13.59 -15.02
N SER A 299 -35.18 -13.02 -16.20
CA SER A 299 -35.53 -11.63 -16.47
C SER A 299 -36.50 -11.53 -17.65
N ARG A 300 -37.32 -10.49 -17.63
CA ARG A 300 -38.08 -10.18 -18.83
C ARG A 300 -37.73 -8.77 -19.27
N GLN A 301 -38.43 -7.77 -18.75
CA GLN A 301 -38.07 -6.39 -19.07
C GLN A 301 -36.86 -5.94 -18.24
N LEU A 302 -35.84 -5.47 -18.93
CA LEU A 302 -34.70 -4.78 -18.34
C LEU A 302 -34.54 -3.41 -18.99
N ASP A 303 -34.35 -2.36 -18.19
CA ASP A 303 -33.94 -1.10 -18.80
C ASP A 303 -32.45 -1.17 -19.17
N LEU A 304 -31.92 -0.10 -19.78
CA LEU A 304 -30.56 -0.23 -20.31
C LEU A 304 -29.55 -0.47 -19.20
N THR A 305 -29.75 0.18 -18.05
CA THR A 305 -28.85 -0.07 -16.92
C THR A 305 -28.96 -1.52 -16.46
N GLY A 306 -30.18 -2.05 -16.36
CA GLY A 306 -30.36 -3.43 -15.96
C GLY A 306 -29.69 -4.43 -16.87
N ILE A 307 -29.60 -4.12 -18.18
CA ILE A 307 -28.92 -5.02 -19.12
C ILE A 307 -27.45 -5.15 -18.74
N LEU A 308 -26.85 -4.06 -18.23
CA LEU A 308 -25.46 -4.13 -17.79
C LEU A 308 -25.33 -4.79 -16.41
N ILE A 309 -26.26 -4.48 -15.50
CA ILE A 309 -26.27 -5.10 -14.16
C ILE A 309 -26.38 -6.62 -14.27
N LYS A 310 -27.35 -7.11 -15.06
CA LYS A 310 -27.53 -8.56 -15.25
C LYS A 310 -26.58 -9.15 -16.29
N SER A 311 -25.80 -8.32 -16.97
CA SER A 311 -24.94 -8.76 -18.06
C SER A 311 -25.69 -9.65 -19.05
N SER A 312 -26.76 -9.10 -19.62
CA SER A 312 -27.57 -9.85 -20.57
C SER A 312 -26.95 -9.76 -21.97
N ASN A 313 -26.34 -10.86 -22.42
CA ASN A 313 -25.95 -11.01 -23.82
C ASN A 313 -27.13 -10.79 -24.75
N VAL A 314 -28.30 -11.33 -24.38
CA VAL A 314 -29.51 -11.18 -25.18
C VAL A 314 -29.86 -9.70 -25.34
N GLY A 315 -29.88 -8.97 -24.22
CA GLY A 315 -30.27 -7.57 -24.26
C GLY A 315 -29.35 -6.72 -25.11
N ILE A 316 -28.04 -6.90 -24.91
CA ILE A 316 -27.10 -6.11 -25.70
C ILE A 316 -27.15 -6.53 -27.17
N SER A 317 -27.49 -7.81 -27.43
CA SER A 317 -27.60 -8.29 -28.81
C SER A 317 -28.79 -7.64 -29.52
N LYS A 318 -29.95 -7.60 -28.87
CA LYS A 318 -31.11 -6.93 -29.46
C LYS A 318 -30.80 -5.48 -29.76
N ILE A 319 -30.08 -4.80 -28.87
CA ILE A 319 -29.73 -3.41 -29.11
C ILE A 319 -28.82 -3.31 -30.32
N ALA A 320 -27.84 -4.23 -30.41
CA ALA A 320 -26.89 -4.22 -31.52
C ALA A 320 -27.59 -4.44 -32.86
N PHE A 321 -28.57 -5.35 -32.89
CA PHE A 321 -29.37 -5.51 -34.11
C PHE A 321 -30.04 -4.20 -34.53
N ASP A 322 -30.55 -3.45 -33.56
CA ASP A 322 -31.26 -2.22 -33.88
C ASP A 322 -30.32 -1.13 -34.40
N ILE A 323 -29.16 -0.96 -33.76
CA ILE A 323 -28.30 0.17 -34.10
C ILE A 323 -27.30 -0.16 -35.19
N GLY A 324 -27.07 -1.43 -35.49
CA GLY A 324 -26.04 -1.76 -36.46
C GLY A 324 -24.67 -1.94 -35.87
N ALA A 325 -23.92 -2.90 -36.42
CA ALA A 325 -22.61 -3.18 -35.87
C ALA A 325 -21.62 -2.09 -36.22
N GLU A 326 -21.82 -1.36 -37.33
CA GLU A 326 -20.91 -0.28 -37.70
C GLU A 326 -20.74 0.71 -36.56
N SER A 327 -21.82 1.04 -35.86
CA SER A 327 -21.69 2.04 -34.79
C SER A 327 -20.95 1.48 -33.60
N ILE A 328 -21.08 0.18 -33.33
CA ILE A 328 -20.35 -0.45 -32.23
C ILE A 328 -18.88 -0.62 -32.59
N TYR A 329 -18.59 -1.07 -33.82
CA TYR A 329 -17.22 -1.12 -34.30
C TYR A 329 -16.54 0.22 -34.12
N SER A 330 -17.24 1.31 -34.44
CA SER A 330 -16.63 2.64 -34.42
CA SER A 330 -16.62 2.63 -34.43
C SER A 330 -16.17 3.02 -33.03
N VAL A 331 -17.04 2.79 -32.03
CA VAL A 331 -16.66 3.12 -30.65
C VAL A 331 -15.49 2.26 -30.19
N MET A 332 -15.56 0.94 -30.43
CA MET A 332 -14.48 0.05 -29.99
C MET A 332 -13.15 0.41 -30.64
N GLN A 333 -13.16 0.72 -31.94
CA GLN A 333 -11.95 1.15 -32.61
C GLN A 333 -11.43 2.46 -32.01
N GLN A 334 -12.33 3.41 -31.75
N GLN A 334 -12.33 3.42 -31.78
CA GLN A 334 -11.94 4.75 -31.31
CA GLN A 334 -11.91 4.74 -31.30
C GLN A 334 -11.43 4.77 -29.86
C GLN A 334 -11.28 4.64 -29.92
N VAL A 335 -11.82 3.80 -29.04
CA VAL A 335 -11.24 3.69 -27.70
C VAL A 335 -10.00 2.79 -27.69
N GLY A 336 -9.57 2.28 -28.84
CA GLY A 336 -8.30 1.57 -28.97
C GLY A 336 -8.31 0.05 -28.93
N LEU A 337 -9.49 -0.61 -28.89
CA LEU A 337 -9.54 -2.07 -28.81
C LEU A 337 -9.01 -2.67 -30.09
N GLY A 338 -8.04 -3.59 -29.98
CA GLY A 338 -7.47 -4.12 -31.20
C GLY A 338 -6.66 -3.13 -32.02
N GLN A 339 -6.21 -2.01 -31.43
CA GLN A 339 -5.46 -0.99 -32.14
C GLN A 339 -4.08 -0.81 -31.50
N ASP A 340 -3.12 -0.36 -32.29
CA ASP A 340 -1.77 -0.14 -31.76
C ASP A 340 -1.80 0.94 -30.66
N THR A 341 -1.11 0.68 -29.55
CA THR A 341 -1.11 1.60 -28.42
C THR A 341 -0.12 2.74 -28.57
N GLY A 342 0.85 2.60 -29.46
CA GLY A 342 1.96 3.53 -29.58
C GLY A 342 3.04 3.40 -28.52
N LEU A 343 2.92 2.48 -27.57
CA LEU A 343 3.94 2.38 -26.52
C LEU A 343 5.24 1.77 -27.03
N GLY A 344 5.17 0.83 -27.97
CA GLY A 344 6.37 0.19 -28.45
C GLY A 344 7.04 -0.73 -27.46
N PHE A 345 6.29 -1.32 -26.53
CA PHE A 345 6.86 -2.29 -25.63
C PHE A 345 7.28 -3.53 -26.42
N PRO A 346 8.44 -4.13 -26.11
CA PRO A 346 8.89 -5.28 -26.89
C PRO A 346 7.84 -6.39 -26.90
N GLY A 347 7.49 -6.83 -28.11
CA GLY A 347 6.53 -7.91 -28.28
C GLY A 347 5.08 -7.54 -28.04
N GLU A 348 4.76 -6.26 -27.84
CA GLU A 348 3.40 -5.86 -27.55
C GLU A 348 2.46 -6.28 -28.68
N ARG A 349 1.28 -6.80 -28.32
CA ARG A 349 0.33 -7.28 -29.30
C ARG A 349 -0.73 -6.22 -29.60
N VAL A 350 -1.20 -6.22 -30.85
CA VAL A 350 -2.30 -5.30 -31.17
C VAL A 350 -3.68 -5.97 -31.05
N GLY A 351 -3.74 -7.30 -31.08
CA GLY A 351 -5.03 -7.96 -31.00
C GLY A 351 -5.79 -7.85 -32.33
N ASN A 352 -7.12 -7.97 -32.24
CA ASN A 352 -7.91 -7.98 -33.47
C ASN A 352 -9.32 -7.53 -33.19
N LEU A 353 -9.75 -6.48 -33.90
CA LEU A 353 -11.14 -6.05 -33.89
C LEU A 353 -11.69 -6.30 -35.29
N PRO A 354 -12.54 -7.29 -35.50
CA PRO A 354 -12.95 -7.63 -36.87
C PRO A 354 -13.79 -6.52 -37.48
N ASN A 355 -13.74 -6.42 -38.80
CA ASN A 355 -14.53 -5.46 -39.53
C ASN A 355 -15.13 -6.13 -40.74
N HIS A 356 -16.25 -5.56 -41.21
CA HIS A 356 -16.94 -6.07 -42.38
C HIS A 356 -17.42 -4.91 -43.21
N ARG A 357 -17.45 -5.10 -44.54
CA ARG A 357 -18.21 -4.21 -45.39
C ARG A 357 -19.69 -4.28 -45.07
N LYS A 358 -20.21 -5.50 -44.89
CA LYS A 358 -21.59 -5.75 -44.49
C LYS A 358 -21.55 -6.73 -43.32
N TRP A 359 -22.20 -6.36 -42.22
CA TRP A 359 -22.10 -7.13 -40.98
C TRP A 359 -23.19 -8.19 -40.94
N PRO A 360 -22.85 -9.48 -40.94
CA PRO A 360 -23.88 -10.51 -40.73
C PRO A 360 -24.53 -10.35 -39.37
N LYS A 361 -25.73 -10.90 -39.22
CA LYS A 361 -26.48 -10.69 -37.99
C LYS A 361 -25.79 -11.35 -36.79
N ALA A 362 -25.33 -12.60 -36.93
CA ALA A 362 -24.70 -13.28 -35.80
C ALA A 362 -23.46 -12.53 -35.32
N GLU A 363 -22.66 -12.02 -36.25
CA GLU A 363 -21.43 -11.32 -35.85
C GLU A 363 -21.73 -9.93 -35.29
N THR A 364 -22.88 -9.35 -35.64
CA THR A 364 -23.29 -8.11 -35.00
C THR A 364 -23.52 -8.33 -33.50
N ALA A 365 -24.23 -9.41 -33.16
CA ALA A 365 -24.45 -9.72 -31.75
C ALA A 365 -23.14 -10.07 -31.05
N THR A 366 -22.32 -10.95 -31.63
CA THR A 366 -21.14 -11.42 -30.90
C THR A 366 -20.14 -10.28 -30.68
N LEU A 367 -19.99 -9.36 -31.66
CA LEU A 367 -19.20 -8.15 -31.41
C LEU A 367 -19.70 -7.42 -30.17
N ALA A 368 -21.03 -7.24 -30.07
CA ALA A 368 -21.60 -6.40 -29.03
C ALA A 368 -21.36 -6.97 -27.62
N TYR A 369 -21.21 -8.29 -27.48
CA TYR A 369 -20.91 -8.79 -26.15
C TYR A 369 -19.50 -9.37 -26.04
N GLY A 370 -18.62 -9.00 -26.96
CA GLY A 370 -17.20 -9.20 -26.74
C GLY A 370 -16.64 -10.56 -27.07
N TYR A 371 -17.38 -11.37 -27.82
CA TYR A 371 -16.87 -12.62 -28.34
C TYR A 371 -16.08 -12.39 -29.62
N GLY A 372 -14.97 -13.09 -29.77
CA GLY A 372 -14.34 -13.12 -31.05
C GLY A 372 -13.46 -11.93 -31.39
N LEU A 373 -13.40 -10.91 -30.55
CA LEU A 373 -12.35 -9.92 -30.69
C LEU A 373 -11.29 -10.20 -29.64
N SER A 374 -10.09 -9.69 -29.88
CA SER A 374 -8.99 -9.97 -28.98
C SER A 374 -8.27 -8.68 -28.67
N VAL A 375 -8.02 -8.46 -27.38
CA VAL A 375 -7.45 -7.23 -26.85
C VAL A 375 -6.39 -7.61 -25.82
N THR A 376 -5.60 -6.62 -25.42
CA THR A 376 -4.66 -6.79 -24.33
C THR A 376 -5.24 -6.12 -23.09
N ALA A 377 -4.70 -6.50 -21.93
CA ALA A 377 -5.13 -5.83 -20.71
C ALA A 377 -4.90 -4.34 -20.77
N ILE A 378 -3.75 -3.92 -21.33
CA ILE A 378 -3.44 -2.50 -21.49
C ILE A 378 -4.52 -1.80 -22.31
N GLN A 379 -4.90 -2.39 -23.44
CA GLN A 379 -5.92 -1.77 -24.29
C GLN A 379 -7.24 -1.65 -23.55
N LEU A 380 -7.63 -2.70 -22.83
CA LEU A 380 -8.90 -2.68 -22.12
C LEU A 380 -8.89 -1.60 -21.05
N ALA A 381 -7.77 -1.49 -20.31
CA ALA A 381 -7.65 -0.46 -19.30
C ALA A 381 -7.69 0.95 -19.91
N HIS A 382 -6.99 1.15 -21.02
CA HIS A 382 -7.02 2.43 -21.73
C HIS A 382 -8.43 2.78 -22.19
N ALA A 383 -9.19 1.79 -22.65
CA ALA A 383 -10.56 2.05 -23.08
C ALA A 383 -11.41 2.52 -21.90
N TYR A 384 -11.30 1.83 -20.77
CA TYR A 384 -11.99 2.25 -19.55
C TYR A 384 -11.53 3.61 -19.08
N ALA A 385 -10.23 3.91 -19.22
CA ALA A 385 -9.73 5.23 -18.84
C ALA A 385 -10.38 6.34 -19.66
N ALA A 386 -10.60 6.11 -20.96
CA ALA A 386 -11.22 7.11 -21.80
C ALA A 386 -12.68 7.32 -21.39
N LEU A 387 -13.40 6.23 -21.15
CA LEU A 387 -14.76 6.30 -20.62
C LEU A 387 -14.80 7.03 -19.29
N ALA A 388 -13.88 6.69 -18.39
CA ALA A 388 -13.84 7.35 -17.09
C ALA A 388 -13.55 8.84 -17.22
N ASN A 389 -12.69 9.20 -18.18
CA ASN A 389 -12.28 10.59 -18.38
C ASN A 389 -13.28 11.37 -19.24
N ASP A 390 -14.58 11.20 -18.96
CA ASP A 390 -15.67 11.83 -19.72
C ASP A 390 -15.49 11.69 -21.23
N GLY A 391 -15.03 10.52 -21.66
CA GLY A 391 -14.98 10.19 -23.07
C GLY A 391 -13.72 10.61 -23.78
N LYS A 392 -12.76 11.21 -23.09
CA LYS A 392 -11.56 11.73 -23.71
C LYS A 392 -10.39 10.78 -23.43
N SER A 393 -9.76 10.29 -24.50
CA SER A 393 -8.66 9.33 -24.39
C SER A 393 -7.33 10.08 -24.34
N VAL A 394 -6.67 10.05 -23.19
CA VAL A 394 -5.31 10.60 -23.07
C VAL A 394 -4.31 9.54 -23.52
N PRO A 395 -3.33 9.88 -24.36
CA PRO A 395 -2.40 8.87 -24.88
C PRO A 395 -1.70 8.10 -23.77
N LEU A 396 -1.46 6.81 -24.01
CA LEU A 396 -0.75 5.95 -23.07
C LEU A 396 0.70 6.39 -22.87
N SER A 397 1.22 6.18 -21.66
CA SER A 397 2.64 6.35 -21.42
C SER A 397 3.13 5.34 -20.39
N MET A 398 4.32 4.78 -20.63
CA MET A 398 5.05 3.99 -19.64
C MET A 398 6.08 4.82 -18.90
N THR A 399 6.25 6.09 -19.26
CA THR A 399 7.22 6.94 -18.59
C THR A 399 6.49 8.07 -17.87
N ARG A 400 7.13 8.63 -16.85
CA ARG A 400 6.54 9.71 -16.06
CA ARG A 400 6.51 9.69 -16.07
C ARG A 400 6.09 10.84 -16.99
N VAL A 401 4.86 11.31 -16.81
CA VAL A 401 4.30 12.41 -17.60
C VAL A 401 4.30 13.67 -16.75
N ASP A 402 5.08 14.66 -17.14
CA ASP A 402 5.09 15.96 -16.49
C ASP A 402 4.19 16.95 -17.20
N ARG A 403 4.20 16.92 -18.52
CA ARG A 403 3.36 17.78 -19.36
CA ARG A 403 3.35 17.79 -19.34
C ARG A 403 2.40 16.87 -20.10
N VAL A 404 1.13 16.91 -19.71
CA VAL A 404 0.17 15.93 -20.24
C VAL A 404 -0.22 16.34 -21.66
N PRO A 405 -0.13 15.44 -22.63
CA PRO A 405 -0.55 15.77 -23.99
C PRO A 405 -2.08 15.84 -24.07
N ASP A 406 -2.55 16.61 -25.05
CA ASP A 406 -3.98 16.72 -25.29
C ASP A 406 -4.59 15.35 -25.58
N GLY A 407 -5.75 15.11 -24.99
CA GLY A 407 -6.50 13.90 -25.27
C GLY A 407 -7.37 14.03 -26.52
N VAL A 408 -7.93 12.90 -26.94
CA VAL A 408 -8.83 12.84 -28.09
C VAL A 408 -10.22 12.45 -27.59
N GLN A 409 -11.22 13.28 -27.93
CA GLN A 409 -12.59 12.99 -27.53
C GLN A 409 -13.09 11.84 -28.37
N VAL A 410 -13.29 10.68 -27.76
CA VAL A 410 -13.67 9.49 -28.52
C VAL A 410 -15.10 9.04 -28.22
N ILE A 411 -15.66 9.42 -27.08
CA ILE A 411 -17.07 9.25 -26.77
C ILE A 411 -17.53 10.60 -26.27
N SER A 412 -18.75 11.02 -26.64
CA SER A 412 -19.18 12.35 -26.23
C SER A 412 -19.23 12.41 -24.70
N PRO A 413 -18.97 13.58 -24.11
CA PRO A 413 -19.02 13.65 -22.64
C PRO A 413 -20.37 13.25 -22.08
N GLU A 414 -21.47 13.60 -22.76
CA GLU A 414 -22.79 13.26 -22.21
C GLU A 414 -23.02 11.75 -22.24
N VAL A 415 -22.62 11.06 -23.32
CA VAL A 415 -22.76 9.61 -23.34
C VAL A 415 -21.85 8.95 -22.31
N ALA A 416 -20.60 9.42 -22.23
CA ALA A 416 -19.64 8.88 -21.28
C ALA A 416 -20.16 8.99 -19.85
N SER A 417 -20.68 10.16 -19.50
CA SER A 417 -21.21 10.37 -18.16
C SER A 417 -22.39 9.44 -17.88
N THR A 418 -23.28 9.25 -18.86
CA THR A 418 -24.40 8.32 -18.68
C THR A 418 -23.89 6.88 -18.48
N VAL A 419 -22.95 6.43 -19.32
CA VAL A 419 -22.47 5.06 -19.18
C VAL A 419 -21.71 4.91 -17.87
N GLN A 420 -21.00 5.96 -17.44
CA GLN A 420 -20.34 5.91 -16.13
C GLN A 420 -21.35 5.61 -15.03
N GLY A 421 -22.45 6.37 -15.00
CA GLY A 421 -23.49 6.11 -14.01
C GLY A 421 -24.05 4.70 -14.08
N MET A 422 -24.26 4.18 -15.30
CA MET A 422 -24.71 2.78 -15.43
C MET A 422 -23.72 1.81 -14.79
N LEU A 423 -22.41 2.01 -15.03
CA LEU A 423 -21.39 1.14 -14.46
C LEU A 423 -21.29 1.32 -12.94
N GLN A 424 -21.58 2.51 -12.43
CA GLN A 424 -21.67 2.66 -10.98
C GLN A 424 -22.82 1.81 -10.44
N GLN A 425 -23.94 1.80 -11.15
CA GLN A 425 -25.05 0.91 -10.76
C GLN A 425 -24.67 -0.57 -10.88
N VAL A 426 -23.87 -0.93 -11.90
CA VAL A 426 -23.45 -2.34 -12.00
C VAL A 426 -22.79 -2.78 -10.69
N VAL A 427 -22.02 -1.90 -10.07
CA VAL A 427 -21.35 -2.22 -8.82
C VAL A 427 -22.27 -2.07 -7.61
N GLU A 428 -23.11 -1.02 -7.59
CA GLU A 428 -23.82 -0.69 -6.35
C GLU A 428 -25.28 -1.14 -6.30
N ALA A 429 -25.92 -1.45 -7.42
CA ALA A 429 -27.35 -1.71 -7.38
C ALA A 429 -27.66 -3.12 -6.84
N GLN A 430 -28.92 -3.32 -6.44
CA GLN A 430 -29.36 -4.66 -6.07
C GLN A 430 -29.17 -5.61 -7.25
N GLY A 431 -28.61 -6.78 -6.97
CA GLY A 431 -28.33 -7.75 -8.02
C GLY A 431 -27.07 -7.52 -8.80
N GLY A 432 -26.25 -6.54 -8.41
CA GLY A 432 -25.02 -6.23 -9.11
C GLY A 432 -23.80 -6.90 -8.48
N VAL A 433 -22.64 -6.40 -8.86
CA VAL A 433 -21.35 -7.04 -8.52
C VAL A 433 -20.90 -6.44 -7.20
N PHE A 434 -21.55 -6.88 -6.11
CA PHE A 434 -21.30 -6.21 -4.84
C PHE A 434 -19.90 -6.47 -4.30
N ARG A 435 -19.24 -7.57 -4.69
N ARG A 435 -19.25 -7.57 -4.67
CA ARG A 435 -17.87 -7.83 -4.25
CA ARG A 435 -17.88 -7.80 -4.24
C ARG A 435 -16.86 -6.90 -4.93
C ARG A 435 -16.91 -6.77 -4.82
N ALA A 436 -17.28 -6.12 -5.93
CA ALA A 436 -16.44 -5.08 -6.51
C ALA A 436 -16.54 -3.75 -5.77
N GLN A 437 -17.48 -3.61 -4.83
CA GLN A 437 -17.61 -2.34 -4.13
C GLN A 437 -16.33 -2.02 -3.36
N VAL A 438 -15.96 -0.75 -3.38
CA VAL A 438 -14.79 -0.22 -2.68
C VAL A 438 -15.28 0.55 -1.46
N PRO A 439 -15.00 0.09 -0.24
CA PRO A 439 -15.54 0.76 0.93
C PRO A 439 -15.09 2.23 1.00
N GLY A 440 -16.06 3.11 1.19
CA GLY A 440 -15.78 4.53 1.27
C GLY A 440 -15.79 5.26 -0.06
N TYR A 441 -15.87 4.54 -1.19
CA TYR A 441 -15.84 5.15 -2.51
C TYR A 441 -16.99 4.63 -3.37
N HIS A 442 -17.45 5.49 -4.28
CA HIS A 442 -18.31 5.01 -5.38
C HIS A 442 -17.40 4.44 -6.46
N ALA A 443 -17.48 3.14 -6.70
CA ALA A 443 -16.71 2.55 -7.79
C ALA A 443 -17.66 2.14 -8.91
N ALA A 444 -17.09 1.99 -10.10
CA ALA A 444 -17.87 1.67 -11.28
C ALA A 444 -17.08 0.68 -12.11
N GLY A 445 -17.78 -0.25 -12.75
CA GLY A 445 -17.09 -1.18 -13.63
C GLY A 445 -18.03 -2.24 -14.15
N LYS A 446 -17.43 -3.30 -14.69
CA LYS A 446 -18.15 -4.37 -15.38
C LYS A 446 -17.31 -5.65 -15.28
N SER A 447 -17.94 -6.74 -14.88
CA SER A 447 -17.27 -8.03 -14.85
C SER A 447 -17.36 -8.70 -16.21
N GLY A 448 -16.46 -9.63 -16.45
CA GLY A 448 -16.58 -10.55 -17.56
C GLY A 448 -16.09 -11.94 -17.19
N THR A 449 -16.61 -12.92 -17.94
CA THR A 449 -16.19 -14.31 -17.88
C THR A 449 -16.14 -14.78 -19.32
N ALA A 450 -14.97 -15.15 -19.82
CA ALA A 450 -14.82 -15.56 -21.20
CA ALA A 450 -14.82 -15.56 -21.20
C ALA A 450 -14.39 -17.02 -21.22
N ARG A 451 -15.27 -17.87 -21.72
CA ARG A 451 -14.93 -19.27 -21.92
CA ARG A 451 -14.90 -19.27 -21.89
C ARG A 451 -13.96 -19.39 -23.08
N LYS A 452 -12.92 -20.19 -22.90
CA LYS A 452 -11.97 -20.48 -23.98
C LYS A 452 -12.57 -21.62 -24.78
N VAL A 453 -13.16 -21.30 -25.92
CA VAL A 453 -13.98 -22.27 -26.63
C VAL A 453 -13.14 -23.45 -27.09
N SER A 454 -13.59 -24.66 -26.74
CA SER A 454 -12.89 -25.92 -27.03
C SER A 454 -11.45 -25.89 -26.54
N VAL A 455 -11.22 -25.23 -25.40
CA VAL A 455 -9.87 -25.09 -24.83
C VAL A 455 -9.88 -25.46 -23.34
N GLU A 462 -12.50 -27.12 -22.75
CA GLU A 462 -12.29 -28.19 -21.77
C GLU A 462 -12.33 -27.63 -20.35
N ASN A 463 -13.36 -26.83 -20.06
CA ASN A 463 -13.58 -26.24 -18.74
C ASN A 463 -12.51 -25.19 -18.42
N ALA A 464 -12.29 -24.27 -19.36
CA ALA A 464 -11.27 -23.24 -19.20
C ALA A 464 -11.88 -21.88 -19.49
N TYR A 465 -11.63 -20.92 -18.60
CA TYR A 465 -12.20 -19.58 -18.67
CA TYR A 465 -12.14 -19.57 -18.81
C TYR A 465 -11.18 -18.57 -18.19
N ARG A 466 -11.41 -17.29 -18.51
CA ARG A 466 -10.77 -16.17 -17.85
C ARG A 466 -11.83 -15.39 -17.12
N SER A 467 -11.50 -14.95 -15.91
CA SER A 467 -12.33 -14.05 -15.13
C SER A 467 -11.76 -12.65 -15.26
N LEU A 468 -12.62 -11.70 -15.61
CA LEU A 468 -12.23 -10.32 -15.88
C LEU A 468 -13.01 -9.37 -15.00
N PHE A 469 -12.36 -8.26 -14.67
CA PHE A 469 -13.05 -7.08 -14.16
C PHE A 469 -12.33 -5.83 -14.62
N ALA A 470 -13.09 -4.88 -15.16
CA ALA A 470 -12.57 -3.60 -15.60
C ALA A 470 -13.40 -2.52 -14.94
N GLY A 471 -12.75 -1.50 -14.40
CA GLY A 471 -13.52 -0.47 -13.74
C GLY A 471 -12.69 0.77 -13.46
N PHE A 472 -13.29 1.70 -12.71
CA PHE A 472 -12.66 2.97 -12.38
C PHE A 472 -13.32 3.53 -11.12
N ALA A 473 -12.65 4.51 -10.53
CA ALA A 473 -13.07 5.11 -9.27
C ALA A 473 -12.25 6.37 -9.04
N PRO A 474 -12.75 7.31 -8.20
CA PRO A 474 -14.09 7.33 -7.62
C PRO A 474 -15.08 7.80 -8.64
N ALA A 475 -16.35 7.38 -8.58
CA ALA A 475 -17.28 7.74 -9.64
C ALA A 475 -17.51 9.25 -9.70
N THR A 476 -17.36 9.97 -8.58
CA THR A 476 -17.63 11.41 -8.59
C THR A 476 -16.59 12.21 -9.39
N ASP A 477 -15.37 11.72 -9.49
CA ASP A 477 -14.30 12.38 -10.24
C ASP A 477 -13.24 11.31 -10.48
N PRO A 478 -13.44 10.49 -11.51
CA PRO A 478 -12.60 9.28 -11.67
C PRO A 478 -11.13 9.62 -11.74
N ARG A 479 -10.34 8.86 -11.01
CA ARG A 479 -8.89 9.04 -10.96
C ARG A 479 -8.11 7.88 -11.56
N ILE A 480 -8.50 6.63 -11.34
CA ILE A 480 -7.73 5.50 -11.84
C ILE A 480 -8.68 4.49 -12.46
N ALA A 481 -8.21 3.86 -13.53
CA ALA A 481 -8.91 2.77 -14.17
C ALA A 481 -8.09 1.51 -13.93
N MET A 482 -8.78 0.37 -13.83
CA MET A 482 -8.12 -0.86 -13.43
C MET A 482 -8.69 -2.03 -14.20
N VAL A 483 -7.82 -2.93 -14.63
CA VAL A 483 -8.23 -4.19 -15.26
C VAL A 483 -7.58 -5.35 -14.51
N VAL A 484 -8.39 -6.30 -14.07
CA VAL A 484 -7.95 -7.54 -13.45
C VAL A 484 -8.30 -8.67 -14.41
N VAL A 485 -7.32 -9.51 -14.73
CA VAL A 485 -7.55 -10.68 -15.56
C VAL A 485 -6.97 -11.89 -14.83
N ILE A 486 -7.81 -12.88 -14.56
CA ILE A 486 -7.40 -14.10 -13.87
C ILE A 486 -7.64 -15.28 -14.81
N ASP A 487 -6.55 -15.96 -15.18
CA ASP A 487 -6.55 -16.92 -16.27
C ASP A 487 -6.69 -18.35 -15.72
N GLU A 488 -7.81 -19.00 -16.03
CA GLU A 488 -8.12 -20.39 -15.68
C GLU A 488 -8.11 -20.64 -14.17
N PRO A 489 -8.98 -19.99 -13.42
CA PRO A 489 -9.15 -20.37 -12.01
C PRO A 489 -9.74 -21.76 -11.93
N SER A 490 -9.45 -22.44 -10.83
CA SER A 490 -9.93 -23.80 -10.58
C SER A 490 -10.95 -23.70 -9.45
N LYS A 491 -12.21 -23.51 -9.82
CA LYS A 491 -13.28 -23.45 -8.84
C LYS A 491 -14.32 -24.52 -9.14
N TYR A 494 -15.48 -19.46 -10.74
CA TYR A 494 -14.63 -18.99 -11.83
C TYR A 494 -15.19 -17.69 -12.41
N PHE A 495 -16.36 -17.30 -11.94
CA PHE A 495 -17.05 -16.16 -12.52
C PHE A 495 -16.31 -14.86 -12.24
N GLY A 496 -16.16 -14.04 -13.29
CA GLY A 496 -15.74 -12.66 -13.18
C GLY A 496 -16.15 -11.95 -11.89
N GLY A 497 -17.43 -12.08 -11.52
CA GLY A 497 -17.98 -11.40 -10.35
C GLY A 497 -17.65 -12.05 -9.03
N LEU A 498 -17.15 -13.28 -9.05
N LEU A 498 -17.17 -13.28 -9.05
CA LEU A 498 -16.73 -13.96 -7.85
CA LEU A 498 -16.73 -13.95 -7.83
C LEU A 498 -15.22 -14.08 -7.72
C LEU A 498 -15.22 -14.10 -7.72
N VAL A 499 -14.48 -13.96 -8.82
CA VAL A 499 -13.04 -14.19 -8.84
C VAL A 499 -12.26 -12.89 -8.97
N SER A 500 -12.48 -12.13 -10.04
CA SER A 500 -11.70 -10.91 -10.25
CA SER A 500 -11.71 -10.91 -10.26
C SER A 500 -12.28 -9.70 -9.52
N ALA A 501 -13.58 -9.70 -9.25
CA ALA A 501 -14.21 -8.57 -8.57
C ALA A 501 -13.58 -8.26 -7.21
N PRO A 502 -13.33 -9.22 -6.31
CA PRO A 502 -12.72 -8.85 -5.02
C PRO A 502 -11.31 -8.33 -5.15
N VAL A 503 -10.58 -8.74 -6.19
CA VAL A 503 -9.25 -8.19 -6.43
C VAL A 503 -9.35 -6.70 -6.77
N PHE A 504 -10.26 -6.35 -7.68
CA PHE A 504 -10.52 -4.95 -7.99
C PHE A 504 -10.82 -4.17 -6.72
N SER A 505 -11.71 -4.70 -5.89
CA SER A 505 -12.11 -3.99 -4.66
C SER A 505 -10.89 -3.69 -3.78
N LYS A 506 -10.08 -4.72 -3.50
CA LYS A 506 -8.96 -4.56 -2.59
C LYS A 506 -7.87 -3.65 -3.17
N VAL A 507 -7.53 -3.83 -4.46
CA VAL A 507 -6.47 -3.03 -5.04
C VAL A 507 -6.94 -1.60 -5.27
N MET A 508 -8.21 -1.43 -5.65
CA MET A 508 -8.71 -0.07 -5.85
C MET A 508 -8.75 0.68 -4.52
N ALA A 509 -9.15 0.01 -3.44
CA ALA A 509 -9.22 0.66 -2.13
C ALA A 509 -7.83 1.11 -1.69
N GLY A 510 -6.83 0.24 -1.83
CA GLY A 510 -5.49 0.61 -1.41
C GLY A 510 -4.87 1.69 -2.28
N ALA A 511 -5.10 1.61 -3.60
CA ALA A 511 -4.52 2.57 -4.52
C ALA A 511 -5.10 3.96 -4.32
N LEU A 512 -6.42 4.05 -4.12
CA LEU A 512 -7.05 5.34 -3.86
C LEU A 512 -6.51 5.94 -2.57
N ARG A 513 -6.33 5.11 -1.53
CA ARG A 513 -5.71 5.58 -0.28
CA ARG A 513 -5.72 5.61 -0.29
C ARG A 513 -4.30 6.06 -0.52
N LEU A 514 -3.50 5.28 -1.26
CA LEU A 514 -2.11 5.66 -1.49
C LEU A 514 -2.01 6.98 -2.25
N MET A 515 -2.93 7.23 -3.16
CA MET A 515 -2.96 8.47 -3.93
C MET A 515 -3.68 9.59 -3.19
N ASN A 516 -4.09 9.37 -1.94
CA ASN A 516 -4.74 10.41 -1.12
C ASN A 516 -6.01 10.94 -1.80
N VAL A 517 -6.79 10.04 -2.39
CA VAL A 517 -8.03 10.45 -3.06
C VAL A 517 -9.15 10.55 -2.02
N PRO A 518 -9.82 11.68 -1.92
CA PRO A 518 -10.89 11.84 -0.92
C PRO A 518 -11.98 10.81 -1.14
N PRO A 519 -12.37 10.09 -0.09
CA PRO A 519 -13.56 9.22 -0.15
C PRO A 519 -14.78 10.01 -0.59
N ASP A 520 -15.54 9.45 -1.54
CA ASP A 520 -16.77 10.09 -1.97
C ASP A 520 -18.01 9.30 -1.55
N ASN A 521 -17.84 8.26 -0.74
CA ASN A 521 -18.96 7.43 -0.26
C ASN A 521 -18.76 7.07 1.21
N LEU A 522 -18.45 8.05 2.04
CA LEU A 522 -18.48 7.85 3.49
C LEU A 522 -19.47 8.79 4.14
N PRO A 523 -20.75 8.80 3.72
CA PRO A 523 -21.69 9.73 4.35
C PRO A 523 -21.93 9.36 5.81
N THR A 524 -22.25 10.37 6.61
CA THR A 524 -22.59 10.14 8.01
C THR A 524 -24.09 10.10 8.25
N ALA A 525 -24.90 10.34 7.21
CA ALA A 525 -26.35 10.33 7.34
C ALA A 525 -26.94 9.54 6.18
N LYS A 526 -27.93 8.70 6.49
CA LYS A 526 -28.66 7.93 5.49
C LYS A 526 -29.74 8.83 4.90
N LEU A 527 -29.52 9.30 3.68
CA LEU A 527 -30.40 10.29 3.09
C LEU A 527 -31.62 9.62 2.47
N VAL A 528 -32.59 10.47 2.12
CA VAL A 528 -33.89 10.03 1.61
C VAL A 528 -34.32 10.97 0.48
N PRO A 529 -34.64 10.48 -0.74
CA PRO A 529 -34.83 9.14 -1.32
C PRO A 529 -33.94 8.02 -0.78
N SER B 14 -52.46 -9.03 4.27
CA SER B 14 -51.06 -9.21 3.95
C SER B 14 -50.16 -8.94 5.16
N VAL B 15 -49.19 -9.82 5.38
CA VAL B 15 -48.24 -9.69 6.47
C VAL B 15 -46.83 -9.57 5.89
N ARG B 16 -46.05 -8.63 6.41
CA ARG B 16 -44.67 -8.43 5.99
C ARG B 16 -43.78 -8.30 7.22
N HIS B 17 -42.55 -8.77 7.10
CA HIS B 17 -41.61 -8.82 8.21
C HIS B 17 -40.70 -7.59 8.18
N ILE B 18 -40.72 -6.81 9.26
CA ILE B 18 -39.83 -5.66 9.44
C ILE B 18 -38.66 -6.09 10.30
N ALA B 19 -37.52 -5.45 10.09
CA ALA B 19 -36.33 -5.81 10.85
C ALA B 19 -36.32 -5.12 12.20
N ILE B 20 -35.64 -5.75 13.15
CA ILE B 20 -35.45 -5.16 14.48
C ILE B 20 -33.97 -4.84 14.62
N PRO B 21 -33.57 -3.58 14.45
CA PRO B 21 -32.14 -3.26 14.52
C PRO B 21 -31.60 -3.57 15.91
N ALA B 22 -30.39 -4.10 15.95
CA ALA B 22 -29.73 -4.47 17.19
C ALA B 22 -28.77 -3.37 17.63
N HIS B 23 -28.61 -3.25 18.94
CA HIS B 23 -27.76 -2.24 19.54
C HIS B 23 -26.30 -2.70 19.43
N ARG B 24 -25.51 -1.99 18.62
CA ARG B 24 -24.08 -2.27 18.50
C ARG B 24 -23.38 -2.07 19.84
N GLY B 25 -22.37 -2.92 20.09
CA GLY B 25 -21.71 -2.90 21.39
C GLY B 25 -21.02 -1.58 21.66
N LEU B 26 -21.11 -1.14 22.92
CA LEU B 26 -20.38 0.03 23.38
C LEU B 26 -18.87 -0.23 23.35
N ILE B 27 -18.11 0.79 22.94
CA ILE B 27 -16.65 0.80 23.12
C ILE B 27 -16.32 1.83 24.20
N THR B 28 -15.60 1.40 25.23
CA THR B 28 -15.14 2.32 26.25
C THR B 28 -13.61 2.34 26.26
N ASP B 29 -13.06 3.33 26.97
CA ASP B 29 -11.64 3.29 27.31
C ASP B 29 -11.45 2.33 28.49
N ARG B 30 -10.21 2.21 28.96
CA ARG B 30 -9.92 1.24 30.00
C ARG B 30 -10.62 1.54 31.31
N ASN B 31 -11.04 2.79 31.52
CA ASN B 31 -11.75 3.17 32.73
C ASN B 31 -13.26 3.24 32.55
N GLY B 32 -13.79 2.77 31.41
CA GLY B 32 -15.21 2.81 31.18
C GLY B 32 -15.75 4.07 30.54
N GLU B 33 -14.90 4.99 30.11
CA GLU B 33 -15.38 6.20 29.44
CA GLU B 33 -15.38 6.20 29.45
C GLU B 33 -15.86 5.86 28.05
N PRO B 34 -17.06 6.28 27.66
CA PRO B 34 -17.58 5.95 26.31
C PRO B 34 -16.70 6.52 25.21
N LEU B 35 -16.30 5.66 24.27
CA LEU B 35 -15.60 6.05 23.06
C LEU B 35 -16.43 5.88 21.80
N ALA B 36 -17.41 4.97 21.82
CA ALA B 36 -18.30 4.75 20.68
C ALA B 36 -19.61 4.20 21.22
N VAL B 37 -20.70 4.95 21.00
CA VAL B 37 -22.00 4.71 21.62
CA VAL B 37 -21.99 4.69 21.62
C VAL B 37 -23.05 4.61 20.53
N SER B 38 -23.97 3.65 20.65
CA SER B 38 -25.09 3.53 19.74
C SER B 38 -26.29 4.19 20.38
N THR B 39 -26.66 5.36 19.87
CA THR B 39 -27.70 6.13 20.53
C THR B 39 -29.03 5.94 19.84
N PRO B 40 -30.12 5.86 20.61
CA PRO B 40 -31.44 5.63 19.99
C PRO B 40 -31.86 6.82 19.14
N VAL B 41 -32.35 6.52 17.94
CA VAL B 41 -32.95 7.53 17.06
C VAL B 41 -34.25 6.97 16.53
N THR B 42 -35.04 7.86 15.94
CA THR B 42 -36.36 7.51 15.42
C THR B 42 -36.39 7.79 13.92
N THR B 43 -36.76 6.77 13.15
CA THR B 43 -36.96 6.91 11.71
C THR B 43 -38.47 6.97 11.46
N LEU B 44 -38.90 7.89 10.61
CA LEU B 44 -40.30 7.99 10.21
C LEU B 44 -40.45 7.49 8.80
N TRP B 45 -41.43 6.63 8.58
CA TRP B 45 -41.81 6.20 7.24
C TRP B 45 -43.31 6.43 7.06
N ALA B 46 -43.77 6.30 5.82
CA ALA B 46 -45.15 6.62 5.51
C ALA B 46 -45.73 5.58 4.56
N ASN B 47 -47.05 5.38 4.68
CA ASN B 47 -47.83 4.68 3.67
C ASN B 47 -48.45 5.75 2.77
N PRO B 48 -47.87 6.02 1.60
CA PRO B 48 -48.42 7.09 0.75
C PRO B 48 -49.89 6.91 0.42
N LYS B 49 -50.41 5.68 0.38
CA LYS B 49 -51.84 5.51 0.13
C LYS B 49 -52.69 6.17 1.21
N GLU B 50 -52.22 6.17 2.46
CA GLU B 50 -52.92 6.92 3.49
C GLU B 50 -52.57 8.40 3.44
N LEU B 51 -51.29 8.73 3.23
CA LEU B 51 -50.87 10.13 3.20
C LEU B 51 -51.59 10.91 2.12
N MET B 52 -51.98 10.25 1.02
CA MET B 52 -52.67 10.96 -0.05
C MET B 52 -54.11 11.32 0.33
N THR B 53 -54.64 10.72 1.38
CA THR B 53 -55.97 11.07 1.85
C THR B 53 -55.96 12.29 2.78
N ALA B 54 -54.80 12.81 3.11
CA ALA B 54 -54.69 13.86 4.12
C ALA B 54 -53.73 14.94 3.63
N LYS B 55 -53.92 15.38 2.38
CA LYS B 55 -52.96 16.28 1.77
C LYS B 55 -52.88 17.61 2.51
N GLU B 56 -53.99 18.08 3.08
CA GLU B 56 -53.94 19.36 3.78
C GLU B 56 -53.10 19.30 5.05
N ARG B 57 -52.71 18.11 5.51
CA ARG B 57 -51.77 17.98 6.63
C ARG B 57 -50.32 18.04 6.20
N TRP B 58 -50.03 17.93 4.90
CA TRP B 58 -48.64 17.85 4.45
C TRP B 58 -47.83 19.08 4.84
N PRO B 59 -48.29 20.33 4.61
CA PRO B 59 -47.43 21.47 4.97
C PRO B 59 -47.00 21.47 6.44
N GLN B 60 -47.88 21.08 7.35
CA GLN B 60 -47.47 20.99 8.75
C GLN B 60 -46.48 19.85 8.96
N LEU B 61 -46.71 18.72 8.29
CA LEU B 61 -45.81 17.58 8.41
C LEU B 61 -44.43 17.92 7.87
N ALA B 62 -44.37 18.53 6.68
CA ALA B 62 -43.09 18.95 6.12
C ALA B 62 -42.36 19.91 7.06
N ALA B 63 -43.11 20.81 7.72
CA ALA B 63 -42.48 21.74 8.66
C ALA B 63 -41.92 21.01 9.86
N ALA B 64 -42.65 20.04 10.39
CA ALA B 64 -42.13 19.25 11.52
C ALA B 64 -40.88 18.49 11.11
N LEU B 65 -40.77 18.12 9.84
CA LEU B 65 -39.61 17.40 9.33
C LEU B 65 -38.48 18.33 8.92
N GLY B 66 -38.67 19.64 9.01
CA GLY B 66 -37.72 20.56 8.42
C GLY B 66 -37.49 20.31 6.94
N GLN B 67 -38.56 20.09 6.17
CA GLN B 67 -38.45 19.88 4.74
C GLN B 67 -39.31 20.89 4.00
N ASP B 68 -38.90 21.21 2.78
CA ASP B 68 -39.63 22.18 1.96
C ASP B 68 -41.01 21.65 1.60
N THR B 69 -42.03 22.50 1.73
CA THR B 69 -43.42 22.10 1.45
C THR B 69 -43.56 21.43 0.09
N LYS B 70 -43.04 22.07 -0.96
CA LYS B 70 -43.29 21.55 -2.29
C LYS B 70 -42.40 20.37 -2.63
N LEU B 71 -41.18 20.35 -2.11
CA LEU B 71 -40.33 19.18 -2.33
C LEU B 71 -40.94 17.96 -1.66
N PHE B 72 -41.47 18.13 -0.43
CA PHE B 72 -42.13 17.04 0.27
C PHE B 72 -43.34 16.53 -0.51
N ALA B 73 -44.20 17.45 -0.97
CA ALA B 73 -45.39 17.03 -1.72
C ALA B 73 -45.02 16.33 -3.02
N ASP B 74 -44.00 16.83 -3.73
CA ASP B 74 -43.55 16.15 -4.94
C ASP B 74 -43.20 14.70 -4.65
N ARG B 75 -42.46 14.47 -3.57
CA ARG B 75 -42.00 13.12 -3.24
CA ARG B 75 -42.01 13.11 -3.27
C ARG B 75 -43.19 12.20 -2.97
N ILE B 76 -44.15 12.65 -2.17
CA ILE B 76 -45.32 11.81 -1.88
C ILE B 76 -46.09 11.54 -3.16
N GLU B 77 -46.43 12.59 -3.90
CA GLU B 77 -47.16 12.42 -5.16
C GLU B 77 -46.45 11.45 -6.10
N GLN B 78 -45.12 11.54 -6.18
CA GLN B 78 -44.38 10.68 -7.09
C GLN B 78 -44.44 9.21 -6.68
N ASN B 79 -44.71 8.92 -5.41
CA ASN B 79 -44.72 7.56 -4.90
C ASN B 79 -46.10 7.11 -4.45
N ALA B 80 -47.15 7.70 -5.02
CA ALA B 80 -48.51 7.49 -4.52
C ALA B 80 -48.94 6.02 -4.59
N GLU B 81 -48.46 5.28 -5.58
CA GLU B 81 -48.85 3.88 -5.71
C GLU B 81 -48.17 3.01 -4.65
N ARG B 82 -46.96 3.38 -4.23
CA ARG B 82 -46.21 2.58 -3.28
C ARG B 82 -46.88 2.57 -1.90
N GLU B 83 -46.49 1.60 -1.08
CA GLU B 83 -47.05 1.48 0.27
C GLU B 83 -45.98 1.58 1.34
N PHE B 84 -44.75 1.93 0.99
CA PHE B 84 -43.70 2.18 1.97
C PHE B 84 -42.68 3.13 1.36
N ILE B 85 -42.48 4.28 2.00
CA ILE B 85 -41.33 5.14 1.74
C ILE B 85 -40.86 5.71 3.07
N TYR B 86 -39.57 6.06 3.09
CA TYR B 86 -38.98 6.76 4.24
C TYR B 86 -39.20 8.25 4.12
N LEU B 87 -39.55 8.88 5.22
CA LEU B 87 -39.68 10.33 5.29
C LEU B 87 -38.42 11.00 5.81
N VAL B 88 -37.80 10.42 6.84
CA VAL B 88 -36.63 11.00 7.48
C VAL B 88 -36.03 9.93 8.38
N ARG B 89 -34.72 9.98 8.57
CA ARG B 89 -34.01 9.04 9.44
C ARG B 89 -33.18 9.83 10.42
N GLY B 90 -33.09 9.34 11.65
CA GLY B 90 -32.16 9.91 12.61
C GLY B 90 -32.72 10.99 13.53
N LEU B 91 -34.04 11.14 13.61
CA LEU B 91 -34.60 12.10 14.54
C LEU B 91 -34.33 11.65 15.98
N THR B 92 -34.35 12.61 16.91
CA THR B 92 -34.32 12.24 18.32
C THR B 92 -35.63 11.54 18.69
N PRO B 93 -35.58 10.61 19.63
CA PRO B 93 -36.84 10.00 20.12
C PRO B 93 -37.90 11.03 20.49
N GLU B 94 -37.48 12.16 21.06
CA GLU B 94 -38.43 13.20 21.40
C GLU B 94 -39.05 13.82 20.15
N GLN B 95 -38.23 14.08 19.13
CA GLN B 95 -38.76 14.64 17.88
C GLN B 95 -39.73 13.67 17.21
N GLY B 96 -39.34 12.40 17.11
CA GLY B 96 -40.24 11.41 16.53
C GLY B 96 -41.60 11.38 17.21
N GLU B 97 -41.60 11.42 18.54
CA GLU B 97 -42.87 11.50 19.27
C GLU B 97 -43.62 12.79 18.95
N GLY B 98 -42.89 13.88 18.69
CA GLY B 98 -43.53 15.11 18.29
C GLY B 98 -44.33 14.96 17.01
N VAL B 99 -43.69 14.42 15.97
CA VAL B 99 -44.36 14.27 14.68
C VAL B 99 -45.47 13.24 14.78
N ILE B 100 -45.23 12.14 15.49
CA ILE B 100 -46.26 11.10 15.65
C ILE B 100 -47.48 11.67 16.35
N ALA B 101 -47.27 12.62 17.27
CA ALA B 101 -48.40 13.27 17.95
C ALA B 101 -49.31 14.03 16.98
N LEU B 102 -48.80 14.46 15.83
CA LEU B 102 -49.65 15.15 14.86
C LEU B 102 -50.77 14.26 14.35
N LYS B 103 -50.63 12.93 14.51
CA LYS B 103 -51.64 11.97 14.07
C LYS B 103 -51.95 12.13 12.58
N VAL B 104 -50.91 12.34 11.77
CA VAL B 104 -51.12 12.40 10.32
C VAL B 104 -51.37 11.00 9.80
N PRO B 105 -52.41 10.78 8.99
CA PRO B 105 -52.68 9.42 8.49
C PRO B 105 -51.50 8.87 7.73
N GLY B 106 -51.16 7.62 8.01
CA GLY B 106 -50.13 6.93 7.26
C GLY B 106 -48.69 7.27 7.64
N VAL B 107 -48.48 7.91 8.79
CA VAL B 107 -47.15 8.21 9.28
C VAL B 107 -46.81 7.26 10.41
N TYR B 108 -45.67 6.56 10.31
CA TYR B 108 -45.26 5.57 11.29
C TYR B 108 -43.80 5.75 11.62
N SER B 109 -43.39 5.16 12.74
CA SER B 109 -42.03 5.32 13.25
C SER B 109 -41.40 3.96 13.51
N ILE B 110 -40.08 3.92 13.32
CA ILE B 110 -39.24 2.78 13.65
C ILE B 110 -38.11 3.29 14.53
N GLU B 111 -37.76 2.52 15.55
CA GLU B 111 -36.65 2.85 16.42
C GLU B 111 -35.36 2.28 15.84
N GLU B 112 -34.35 3.14 15.69
CA GLU B 112 -33.07 2.70 15.17
C GLU B 112 -31.94 3.26 16.02
N PHE B 113 -30.69 3.12 15.58
CA PHE B 113 -29.57 3.57 16.38
C PHE B 113 -28.60 4.37 15.52
N ARG B 114 -28.02 5.41 16.13
N ARG B 114 -28.02 5.42 16.12
CA ARG B 114 -26.99 6.21 15.49
CA ARG B 114 -26.98 6.20 15.47
C ARG B 114 -25.68 6.04 16.26
C ARG B 114 -25.69 6.04 16.25
N ARG B 115 -24.61 5.78 15.53
CA ARG B 115 -23.30 5.62 16.15
C ARG B 115 -22.67 6.99 16.36
N PHE B 116 -22.16 7.23 17.58
CA PHE B 116 -21.59 8.52 17.94
C PHE B 116 -20.28 8.32 18.71
N TYR B 117 -19.33 9.23 18.49
CA TYR B 117 -17.99 9.15 19.06
C TYR B 117 -17.78 10.36 19.96
N PRO B 118 -17.97 10.23 21.28
CA PRO B 118 -17.93 11.39 22.17
C PRO B 118 -16.61 12.14 22.18
N ALA B 119 -15.50 11.46 21.92
CA ALA B 119 -14.20 12.12 21.91
C ALA B 119 -13.78 12.57 20.52
N GLY B 120 -14.58 12.32 19.49
CA GLY B 120 -14.34 12.95 18.21
C GLY B 120 -12.95 12.61 17.67
N GLU B 121 -12.22 13.62 17.21
CA GLU B 121 -10.94 13.36 16.55
C GLU B 121 -9.84 12.91 17.50
N VAL B 122 -10.04 13.03 18.82
CA VAL B 122 -8.98 12.71 19.77
C VAL B 122 -8.62 11.22 19.73
N VAL B 123 -9.58 10.33 19.45
CA VAL B 123 -9.23 8.91 19.40
CA VAL B 123 -9.29 8.91 19.42
C VAL B 123 -9.73 8.31 18.08
N ALA B 124 -9.72 9.11 17.02
CA ALA B 124 -10.31 8.68 15.75
C ALA B 124 -9.52 7.54 15.11
N HIS B 125 -8.17 7.62 15.12
CA HIS B 125 -7.39 6.60 14.43
C HIS B 125 -7.48 5.25 15.12
N ALA B 126 -7.55 5.23 16.45
CA ALA B 126 -7.64 3.93 17.12
C ALA B 126 -9.05 3.35 17.00
N VAL B 127 -10.09 4.18 17.23
CA VAL B 127 -11.46 3.66 17.30
C VAL B 127 -12.01 3.41 15.91
N GLY B 128 -11.70 4.29 14.96
CA GLY B 128 -12.25 4.19 13.62
C GLY B 128 -13.71 4.60 13.62
N PHE B 129 -14.50 3.97 12.76
CA PHE B 129 -15.91 4.35 12.63
C PHE B 129 -16.66 3.27 11.87
N THR B 130 -17.98 3.37 11.94
CA THR B 130 -18.90 2.55 11.16
C THR B 130 -19.47 3.38 10.01
N ASP B 131 -19.97 2.68 9.00
CA ASP B 131 -20.68 3.39 7.94
C ASP B 131 -22.13 3.60 8.37
N VAL B 132 -22.92 4.27 7.51
CA VAL B 132 -24.32 4.52 7.80
C VAL B 132 -25.10 3.24 7.98
N ASP B 133 -24.62 2.14 7.43
CA ASP B 133 -25.25 0.83 7.62
C ASP B 133 -24.72 0.13 8.88
N ASP B 134 -24.04 0.86 9.76
CA ASP B 134 -23.58 0.36 11.06
C ASP B 134 -22.53 -0.75 10.92
N ARG B 135 -21.82 -0.80 9.80
CA ARG B 135 -20.74 -1.76 9.61
C ARG B 135 -19.40 -1.10 9.90
N GLY B 136 -18.51 -1.85 10.56
CA GLY B 136 -17.20 -1.30 10.88
C GLY B 136 -16.34 -1.12 9.63
N ARG B 137 -15.76 0.09 9.49
CA ARG B 137 -14.98 0.40 8.29
C ARG B 137 -13.52 0.75 8.57
N GLU B 138 -13.19 1.27 9.75
CA GLU B 138 -11.81 1.58 10.11
C GLU B 138 -11.59 1.24 11.59
N GLY B 139 -10.32 1.06 11.94
CA GLY B 139 -9.87 0.95 13.32
C GLY B 139 -10.51 -0.21 14.07
N ILE B 140 -10.71 0.02 15.37
CA ILE B 140 -11.28 -1.01 16.25
C ILE B 140 -12.70 -1.39 15.81
N GLU B 141 -13.47 -0.41 15.34
CA GLU B 141 -14.81 -0.70 14.81
C GLU B 141 -14.78 -1.79 13.75
N LEU B 142 -13.77 -1.75 12.87
CA LEU B 142 -13.64 -2.79 11.85
C LEU B 142 -13.00 -4.05 12.42
N ALA B 143 -11.91 -3.91 13.16
CA ALA B 143 -11.16 -5.08 13.65
C ALA B 143 -12.04 -5.98 14.50
N PHE B 144 -12.90 -5.40 15.34
CA PHE B 144 -13.76 -6.18 16.23
C PHE B 144 -15.22 -6.13 15.79
N ASP B 145 -15.45 -6.02 14.48
CA ASP B 145 -16.81 -5.78 14.00
C ASP B 145 -17.74 -6.93 14.38
N GLU B 146 -17.27 -8.18 14.29
CA GLU B 146 -18.14 -9.30 14.63
C GLU B 146 -18.53 -9.27 16.09
N TRP B 147 -17.57 -8.97 16.96
CA TRP B 147 -17.83 -8.85 18.40
C TRP B 147 -18.85 -7.76 18.68
N LEU B 148 -18.66 -6.60 18.06
CA LEU B 148 -19.47 -5.42 18.37
C LEU B 148 -20.85 -5.47 17.74
N ALA B 149 -20.98 -6.12 16.59
CA ALA B 149 -22.24 -6.06 15.84
C ALA B 149 -23.32 -6.87 16.52
N GLY B 150 -24.53 -6.33 16.53
CA GLY B 150 -25.68 -7.06 17.00
C GLY B 150 -26.41 -7.69 15.83
N VAL B 151 -27.00 -8.86 16.06
CA VAL B 151 -27.75 -9.53 15.00
C VAL B 151 -29.16 -8.94 15.02
N PRO B 152 -29.59 -8.34 13.92
CA PRO B 152 -30.95 -7.79 13.90
C PRO B 152 -32.01 -8.89 14.00
N GLY B 153 -33.13 -8.54 14.62
CA GLY B 153 -34.30 -9.39 14.65
C GLY B 153 -35.29 -9.01 13.57
N LYS B 154 -36.39 -9.75 13.54
CA LYS B 154 -37.48 -9.49 12.61
C LYS B 154 -38.80 -9.67 13.35
N ARG B 155 -39.79 -8.85 12.97
CA ARG B 155 -41.12 -8.94 13.57
C ARG B 155 -42.18 -8.82 12.49
N GLN B 156 -43.33 -9.45 12.75
CA GLN B 156 -44.43 -9.51 11.80
C GLN B 156 -45.46 -8.44 12.11
N VAL B 157 -45.96 -7.78 11.06
CA VAL B 157 -47.07 -6.86 11.15
C VAL B 157 -48.07 -7.20 10.05
N LEU B 158 -49.29 -6.69 10.20
CA LEU B 158 -50.36 -6.93 9.25
C LEU B 158 -50.79 -5.61 8.64
N LYS B 159 -50.91 -5.59 7.31
CA LYS B 159 -51.42 -4.44 6.57
C LYS B 159 -52.65 -4.86 5.79
N ASP B 160 -53.65 -3.97 5.76
CA ASP B 160 -54.88 -4.29 5.05
C ASP B 160 -54.70 -4.17 3.55
N ARG B 161 -55.81 -4.01 2.82
CA ARG B 161 -55.74 -3.83 1.37
C ARG B 161 -54.93 -2.58 1.01
N ARG B 162 -55.23 -1.46 1.66
CA ARG B 162 -54.58 -0.19 1.37
C ARG B 162 -53.22 -0.05 2.02
N GLY B 163 -52.77 -1.03 2.78
CA GLY B 163 -51.46 -0.99 3.40
C GLY B 163 -51.41 -0.37 4.78
N ARG B 164 -52.56 -0.05 5.37
CA ARG B 164 -52.58 0.51 6.71
C ARG B 164 -52.15 -0.54 7.73
N VAL B 165 -51.23 -0.17 8.61
CA VAL B 165 -50.81 -1.07 9.67
C VAL B 165 -51.98 -1.25 10.64
N ILE B 166 -52.56 -2.45 10.66
CA ILE B 166 -53.65 -2.72 11.60
C ILE B 166 -53.09 -2.99 12.99
N LYS B 167 -52.00 -3.77 13.06
CA LYS B 167 -51.27 -4.08 14.29
C LYS B 167 -50.07 -4.92 13.88
N ASP B 168 -49.10 -5.04 14.78
CA ASP B 168 -48.00 -5.96 14.58
C ASP B 168 -48.35 -7.29 15.23
N VAL B 169 -48.31 -8.37 14.43
CA VAL B 169 -48.74 -9.67 14.91
C VAL B 169 -47.82 -10.17 16.02
N GLN B 170 -46.52 -10.17 15.78
CA GLN B 170 -45.60 -10.83 16.71
C GLN B 170 -44.16 -10.47 16.35
N VAL B 171 -43.27 -10.76 17.30
CA VAL B 171 -41.83 -10.73 17.06
C VAL B 171 -41.41 -12.17 16.76
N THR B 172 -40.84 -12.39 15.57
CA THR B 172 -40.46 -13.74 15.16
C THR B 172 -39.00 -14.06 15.46
N LYS B 173 -38.11 -13.07 15.41
CA LYS B 173 -36.74 -13.23 15.86
C LYS B 173 -36.31 -12.00 16.64
N ASN B 174 -35.83 -12.20 17.86
CA ASN B 174 -35.41 -11.09 18.70
C ASN B 174 -34.04 -10.58 18.28
N ALA B 175 -33.88 -9.26 18.31
CA ALA B 175 -32.57 -8.67 18.09
C ALA B 175 -31.64 -9.06 19.24
N LYS B 176 -30.39 -9.37 18.90
CA LYS B 176 -29.39 -9.68 19.92
C LYS B 176 -28.36 -8.57 19.94
N PRO B 177 -28.15 -7.91 21.08
CA PRO B 177 -27.24 -6.76 21.12
C PRO B 177 -25.78 -7.16 20.96
N GLY B 178 -25.00 -6.22 20.44
CA GLY B 178 -23.56 -6.42 20.34
C GLY B 178 -22.89 -6.40 21.71
N LYS B 179 -21.63 -6.82 21.74
CA LYS B 179 -20.92 -6.96 22.98
C LYS B 179 -20.03 -5.75 23.26
N THR B 180 -19.97 -5.36 24.54
CA THR B 180 -19.13 -4.26 24.97
C THR B 180 -17.65 -4.60 24.76
N LEU B 181 -16.85 -3.58 24.50
CA LEU B 181 -15.41 -3.73 24.33
C LEU B 181 -14.71 -2.61 25.08
N ALA B 182 -13.84 -2.96 26.04
CA ALA B 182 -13.03 -1.99 26.77
C ALA B 182 -11.63 -1.96 26.19
N LEU B 183 -11.27 -0.83 25.60
CA LEU B 183 -9.95 -0.68 25.00
C LEU B 183 -8.88 -0.52 26.08
N SER B 184 -7.62 -0.69 25.66
CA SER B 184 -6.47 -0.43 26.54
C SER B 184 -6.24 1.08 26.74
N ILE B 185 -6.77 1.91 25.84
CA ILE B 185 -6.50 3.35 25.88
C ILE B 185 -7.00 3.96 27.20
N ASP B 186 -6.21 4.87 27.77
CA ASP B 186 -6.68 5.72 28.88
C ASP B 186 -7.04 7.07 28.27
N LEU B 187 -8.33 7.37 28.21
CA LEU B 187 -8.80 8.57 27.53
C LEU B 187 -8.13 9.82 28.09
N ARG B 188 -7.80 9.84 29.38
CA ARG B 188 -7.12 11.01 29.97
C ARG B 188 -5.73 11.17 29.40
N LEU B 189 -4.97 10.09 29.31
CA LEU B 189 -3.66 10.14 28.68
C LEU B 189 -3.79 10.42 27.19
N GLN B 190 -4.85 9.91 26.56
CA GLN B 190 -5.04 10.17 25.13
C GLN B 190 -5.25 11.66 24.85
N TYR B 191 -6.05 12.34 25.67
CA TYR B 191 -6.27 13.77 25.47
C TYR B 191 -4.97 14.54 25.68
N LEU B 192 -4.26 14.23 26.77
CA LEU B 192 -2.97 14.83 27.02
C LEU B 192 -2.06 14.68 25.81
N ALA B 193 -1.90 13.45 25.33
CA ALA B 193 -0.99 13.20 24.21
C ALA B 193 -1.46 13.91 22.94
N HIS B 194 -2.76 13.84 22.64
CA HIS B 194 -3.32 14.53 21.49
C HIS B 194 -3.00 16.03 21.54
N ARG B 195 -3.23 16.68 22.68
CA ARG B 195 -3.02 18.11 22.76
CA ARG B 195 -3.02 18.11 22.79
C ARG B 195 -1.54 18.46 22.61
N GLU B 196 -0.66 17.72 23.29
CA GLU B 196 0.75 18.11 23.28
C GLU B 196 1.38 17.81 21.92
N LEU B 197 0.97 16.71 21.27
CA LEU B 197 1.47 16.44 19.92
C LEU B 197 0.98 17.51 18.96
N ARG B 198 -0.30 17.88 19.03
CA ARG B 198 -0.78 18.91 18.12
C ARG B 198 -0.05 20.22 18.35
N ASN B 199 0.13 20.62 19.62
CA ASN B 199 0.80 21.89 19.91
C ASN B 199 2.23 21.87 19.41
N ALA B 200 2.91 20.72 19.55
CA ALA B 200 4.29 20.62 19.08
C ALA B 200 4.38 20.69 17.57
N LEU B 201 3.45 20.07 16.86
CA LEU B 201 3.46 20.15 15.40
C LEU B 201 3.34 21.59 14.95
N LEU B 202 2.37 22.33 15.52
CA LEU B 202 2.19 23.73 15.16
C LEU B 202 3.44 24.54 15.46
N GLU B 203 4.07 24.31 16.62
CA GLU B 203 5.26 25.08 16.99
C GLU B 203 6.43 24.77 16.07
N ASN B 204 6.48 23.56 15.53
CA ASN B 204 7.57 23.11 14.68
C ASN B 204 7.27 23.22 13.20
N GLY B 205 6.05 23.60 12.83
CA GLY B 205 5.66 23.59 11.43
C GLY B 205 5.89 22.24 10.77
N ALA B 206 5.63 21.16 11.50
CA ALA B 206 5.84 19.82 10.99
C ALA B 206 4.67 19.36 10.13
N LYS B 207 4.96 18.43 9.21
CA LYS B 207 3.93 17.90 8.33
C LYS B 207 3.00 16.94 9.06
N ALA B 208 3.53 16.14 9.98
CA ALA B 208 2.77 15.09 10.63
C ALA B 208 3.51 14.62 11.89
N GLY B 209 2.85 13.75 12.64
CA GLY B 209 3.49 13.20 13.82
C GLY B 209 2.69 12.06 14.42
N SER B 210 3.37 11.27 15.26
CA SER B 210 2.75 10.19 16.01
C SER B 210 3.30 10.21 17.43
N LEU B 211 2.49 9.66 18.34
CA LEU B 211 2.92 9.47 19.73
C LEU B 211 2.19 8.27 20.28
N VAL B 212 2.96 7.34 20.86
CA VAL B 212 2.46 6.10 21.45
C VAL B 212 2.90 6.04 22.91
N ILE B 213 1.96 5.70 23.80
CA ILE B 213 2.27 5.41 25.20
C ILE B 213 1.81 3.99 25.49
N MET B 214 2.68 3.19 26.12
CA MET B 214 2.29 1.83 26.46
C MET B 214 2.80 1.41 27.83
N ASP B 215 2.05 0.50 28.44
CA ASP B 215 2.38 -0.09 29.72
C ASP B 215 3.43 -1.18 29.50
N VAL B 216 4.62 -0.99 30.08
CA VAL B 216 5.71 -1.92 29.79
C VAL B 216 5.48 -3.29 30.42
N LYS B 217 4.65 -3.39 31.45
CA LYS B 217 4.41 -4.67 32.10
C LYS B 217 3.27 -5.45 31.46
N THR B 218 2.26 -4.76 30.94
CA THR B 218 1.09 -5.45 30.41
C THR B 218 1.01 -5.47 28.89
N GLY B 219 1.83 -4.67 28.20
CA GLY B 219 1.72 -4.45 26.77
C GLY B 219 0.54 -3.61 26.32
N GLU B 220 -0.24 -3.05 27.24
CA GLU B 220 -1.43 -2.28 26.87
C GLU B 220 -1.04 -0.96 26.22
N ILE B 221 -1.69 -0.63 25.09
CA ILE B 221 -1.51 0.68 24.46
C ILE B 221 -2.41 1.68 25.19
N LEU B 222 -1.78 2.56 25.97
CA LEU B 222 -2.53 3.51 26.80
C LEU B 222 -2.91 4.76 26.04
N ALA B 223 -2.10 5.14 25.03
CA ALA B 223 -2.42 6.28 24.19
C ALA B 223 -1.77 6.07 22.83
N MET B 224 -2.47 6.51 21.79
CA MET B 224 -1.99 6.41 20.42
C MET B 224 -2.66 7.53 19.63
N THR B 225 -1.89 8.53 19.26
CA THR B 225 -2.40 9.72 18.60
C THR B 225 -1.51 10.05 17.43
N ASN B 226 -2.12 10.62 16.38
CA ASN B 226 -1.40 11.09 15.21
C ASN B 226 -1.97 12.43 14.76
N GLN B 227 -1.13 13.21 14.10
CA GLN B 227 -1.57 14.35 13.32
C GLN B 227 -1.08 14.19 11.90
N PRO B 228 -1.88 14.55 10.90
CA PRO B 228 -3.23 15.11 11.03
C PRO B 228 -4.26 14.07 11.50
N THR B 229 -5.46 14.53 11.88
CA THR B 229 -6.53 13.63 12.27
C THR B 229 -7.83 14.16 11.68
N TYR B 230 -8.96 13.55 12.04
CA TYR B 230 -10.26 13.92 11.50
C TYR B 230 -11.31 13.62 12.56
N ASN B 231 -12.47 14.25 12.42
CA ASN B 231 -13.60 13.96 13.31
C ASN B 231 -14.49 12.92 12.66
N PRO B 232 -14.57 11.70 13.19
CA PRO B 232 -15.40 10.65 12.56
C PRO B 232 -16.88 10.93 12.64
N ASN B 233 -17.32 11.85 13.51
CA ASN B 233 -18.73 12.26 13.46
C ASN B 233 -19.05 13.12 12.26
N ASN B 234 -18.04 13.70 11.59
CA ASN B 234 -18.31 14.49 10.38
C ASN B 234 -17.18 14.30 9.37
N ARG B 235 -17.44 13.47 8.36
CA ARG B 235 -16.38 13.02 7.48
C ARG B 235 -16.38 13.72 6.11
N ARG B 236 -16.90 14.93 6.04
CA ARG B 236 -16.98 15.64 4.76
C ARG B 236 -15.59 16.14 4.32
N ASN B 237 -15.27 15.91 3.05
CA ASN B 237 -13.97 16.29 2.48
C ASN B 237 -12.79 15.66 3.22
N LEU B 238 -12.99 14.44 3.73
CA LEU B 238 -11.89 13.70 4.32
C LEU B 238 -10.83 13.40 3.28
N GLN B 239 -9.58 13.48 3.69
CA GLN B 239 -8.50 12.94 2.89
C GLN B 239 -7.93 11.70 3.56
N PRO B 240 -7.57 10.67 2.80
CA PRO B 240 -6.91 9.50 3.42
C PRO B 240 -5.71 9.85 4.29
N ALA B 241 -4.94 10.88 3.92
CA ALA B 241 -3.78 11.25 4.74
C ALA B 241 -4.18 11.56 6.17
N ALA B 242 -5.35 12.13 6.38
CA ALA B 242 -5.76 12.46 7.75
C ALA B 242 -6.38 11.27 8.45
N MET B 243 -6.80 10.24 7.71
CA MET B 243 -7.41 9.06 8.28
C MET B 243 -6.40 8.01 8.70
N ARG B 244 -5.15 8.17 8.32
CA ARG B 244 -4.19 7.10 8.48
C ARG B 244 -3.69 7.03 9.93
N ASN B 245 -3.78 5.85 10.54
CA ASN B 245 -3.19 5.62 11.87
C ASN B 245 -1.68 5.44 11.68
N ARG B 246 -0.99 6.58 11.56
CA ARG B 246 0.43 6.55 11.19
C ARG B 246 1.26 5.73 12.18
N ALA B 247 0.92 5.78 13.47
CA ALA B 247 1.64 5.03 14.49
C ALA B 247 1.74 3.54 14.19
N MET B 248 0.75 2.96 13.49
CA MET B 248 0.76 1.54 13.18
C MET B 248 1.05 1.21 11.72
N ILE B 249 1.16 2.20 10.84
CA ILE B 249 1.17 1.98 9.40
C ILE B 249 2.42 2.56 8.73
N ASP B 250 2.78 3.79 9.06
CA ASP B 250 3.92 4.40 8.38
C ASP B 250 5.22 3.74 8.86
N VAL B 251 6.05 3.34 7.92
CA VAL B 251 7.36 2.78 8.24
C VAL B 251 8.41 3.83 8.00
N PHE B 252 9.49 3.75 8.78
CA PHE B 252 10.55 4.74 8.72
C PHE B 252 11.81 4.11 9.27
N GLU B 253 12.95 4.66 8.89
CA GLU B 253 14.21 4.20 9.44
C GLU B 253 14.37 4.78 10.83
N PRO B 254 14.53 3.94 11.85
CA PRO B 254 14.55 4.45 13.23
C PRO B 254 15.85 5.12 13.62
N GLY B 255 16.91 4.95 12.82
CA GLY B 255 18.19 5.59 13.11
C GLY B 255 18.72 5.28 14.51
N SER B 256 19.21 6.32 15.17
CA SER B 256 19.94 6.18 16.43
C SER B 256 19.12 5.57 17.53
N THR B 257 17.78 5.54 17.39
CA THR B 257 16.97 4.96 18.45
C THR B 257 17.15 3.45 18.57
N VAL B 258 17.72 2.77 17.58
CA VAL B 258 17.96 1.34 17.77
C VAL B 258 19.37 1.03 18.26
N LYS B 259 20.21 2.04 18.45
CA LYS B 259 21.53 1.80 19.06
C LYS B 259 21.46 1.04 20.38
N PRO B 260 20.49 1.26 21.28
CA PRO B 260 20.46 0.46 22.50
C PRO B 260 20.29 -1.03 22.26
N PHE B 261 19.66 -1.44 21.16
CA PHE B 261 19.53 -2.86 20.89
C PHE B 261 20.83 -3.42 20.31
N SER B 262 21.54 -2.62 19.49
CA SER B 262 22.89 -2.98 19.10
C SER B 262 23.79 -3.14 20.34
N MET B 263 23.68 -2.21 21.29
CA MET B 263 24.47 -2.31 22.52
C MET B 263 24.08 -3.55 23.32
N SER B 264 22.78 -3.87 23.33
CA SER B 264 22.31 -5.07 24.03
C SER B 264 22.95 -6.32 23.45
N ALA B 265 23.01 -6.39 22.11
CA ALA B 265 23.70 -7.51 21.48
C ALA B 265 25.17 -7.54 21.89
N ALA B 266 25.84 -6.39 21.92
CA ALA B 266 27.24 -6.34 22.29
C ALA B 266 27.48 -6.93 23.67
N LEU B 267 26.66 -6.51 24.65
CA LEU B 267 26.85 -6.93 26.03
C LEU B 267 26.50 -8.39 26.22
N ALA B 268 25.56 -8.91 25.44
CA ALA B 268 25.19 -10.31 25.51
C ALA B 268 26.19 -11.21 24.80
N SER B 269 27.08 -10.65 23.98
CA SER B 269 28.03 -11.44 23.22
C SER B 269 29.20 -11.97 24.04
N GLY B 270 29.39 -11.48 25.27
CA GLY B 270 30.57 -11.83 26.04
C GLY B 270 31.83 -11.11 25.64
N ARG B 271 31.77 -10.25 24.61
CA ARG B 271 32.95 -9.59 24.09
C ARG B 271 33.09 -8.14 24.53
N TRP B 272 32.08 -7.56 25.19
CA TRP B 272 32.08 -6.16 25.57
C TRP B 272 31.54 -5.98 26.97
N LYS B 273 32.06 -4.96 27.67
CA LYS B 273 31.60 -4.59 28.99
C LYS B 273 31.51 -3.06 29.03
N PRO B 274 30.69 -2.52 29.94
CA PRO B 274 30.41 -1.07 29.88
C PRO B 274 31.63 -0.19 29.96
N SER B 275 32.67 -0.58 30.69
CA SER B 275 33.84 0.26 30.84
C SER B 275 34.73 0.27 29.61
N ASP B 276 34.46 -0.56 28.62
CA ASP B 276 35.29 -0.59 27.42
C ASP B 276 35.24 0.74 26.71
N ILE B 277 36.34 1.08 26.05
CA ILE B 277 36.54 2.35 25.37
C ILE B 277 36.73 2.09 23.89
N VAL B 278 36.06 2.88 23.05
CA VAL B 278 36.15 2.80 21.60
C VAL B 278 36.72 4.12 21.08
N ASP B 279 37.69 4.05 20.16
N ASP B 279 37.73 4.03 20.21
CA ASP B 279 38.26 5.24 19.54
CA ASP B 279 38.24 5.20 19.50
C ASP B 279 37.41 5.62 18.33
C ASP B 279 37.25 5.57 18.40
N VAL B 280 36.88 6.84 18.34
CA VAL B 280 35.98 7.33 17.30
C VAL B 280 36.56 8.51 16.52
N TYR B 281 37.72 9.02 16.92
CA TYR B 281 38.35 10.10 16.17
C TYR B 281 38.63 9.67 14.73
N PRO B 282 38.41 10.52 13.73
CA PRO B 282 37.89 11.90 13.81
C PRO B 282 36.39 12.02 13.55
N GLY B 283 35.62 11.08 14.08
CA GLY B 283 34.17 11.12 13.89
C GLY B 283 33.69 10.75 12.52
N THR B 284 34.54 10.11 11.71
CA THR B 284 34.16 9.53 10.44
C THR B 284 34.82 8.17 10.31
N LEU B 285 34.25 7.31 9.47
CA LEU B 285 34.80 5.98 9.27
C LEU B 285 34.51 5.54 7.85
N GLN B 286 35.55 5.28 7.07
CA GLN B 286 35.41 4.91 5.67
C GLN B 286 35.31 3.40 5.53
N ILE B 287 34.24 2.92 4.92
CA ILE B 287 34.02 1.50 4.68
C ILE B 287 33.92 1.33 3.18
N GLY B 288 35.02 0.94 2.55
CA GLY B 288 35.05 0.90 1.10
C GLY B 288 34.72 2.27 0.55
N ARG B 289 33.64 2.34 -0.24
CA ARG B 289 33.19 3.60 -0.84
C ARG B 289 32.20 4.35 0.04
N TYR B 290 32.03 3.94 1.29
CA TYR B 290 31.03 4.52 2.18
C TYR B 290 31.69 5.29 3.32
N THR B 291 31.09 6.40 3.73
CA THR B 291 31.59 7.19 4.85
C THR B 291 30.52 7.24 5.93
N ILE B 292 30.81 6.63 7.08
CA ILE B 292 30.00 6.75 8.27
C ILE B 292 30.44 8.00 9.02
N ARG B 293 29.49 8.82 9.48
CA ARG B 293 29.84 10.11 10.06
C ARG B 293 29.12 10.33 11.39
N ASP B 294 29.84 10.92 12.35
CA ASP B 294 29.26 11.40 13.59
C ASP B 294 28.94 12.88 13.48
N VAL B 295 28.12 13.36 14.41
CA VAL B 295 27.74 14.77 14.42
C VAL B 295 28.93 15.64 14.80
N SER B 296 29.58 15.30 15.91
CA SER B 296 30.79 15.98 16.35
C SER B 296 32.01 15.15 15.99
N ARG B 297 33.03 15.82 15.47
CA ARG B 297 34.31 15.18 15.14
C ARG B 297 35.34 15.46 16.21
N ASN B 298 34.91 15.49 17.49
CA ASN B 298 35.74 16.04 18.55
C ASN B 298 36.08 15.05 19.65
N SER B 299 35.11 14.29 20.15
N SER B 299 35.11 14.28 20.15
CA SER B 299 35.41 13.27 21.14
CA SER B 299 35.39 13.26 21.14
C SER B 299 36.35 12.22 20.56
C SER B 299 36.35 12.21 20.56
N ARG B 300 37.44 11.96 21.27
CA ARG B 300 38.45 11.02 20.76
C ARG B 300 38.07 9.59 21.10
N GLN B 301 37.81 9.33 22.38
CA GLN B 301 37.45 8.02 22.87
C GLN B 301 36.12 8.12 23.61
N LEU B 302 35.31 7.09 23.50
CA LEU B 302 34.04 7.03 24.21
C LEU B 302 33.89 5.65 24.84
N ASP B 303 33.50 5.61 26.12
CA ASP B 303 33.07 4.33 26.66
C ASP B 303 31.69 3.97 26.12
N LEU B 304 31.22 2.77 26.44
CA LEU B 304 30.00 2.29 25.76
C LEU B 304 28.81 3.19 26.07
N THR B 305 28.69 3.66 27.32
CA THR B 305 27.62 4.60 27.64
C THR B 305 27.76 5.90 26.85
N GLY B 306 29.00 6.37 26.66
CA GLY B 306 29.22 7.58 25.89
C GLY B 306 28.86 7.45 24.44
N ILE B 307 28.98 6.23 23.89
CA ILE B 307 28.56 5.99 22.51
C ILE B 307 27.07 6.29 22.35
N LEU B 308 26.27 5.97 23.38
CA LEU B 308 24.84 6.29 23.38
C LEU B 308 24.56 7.75 23.74
N ILE B 309 25.28 8.31 24.73
CA ILE B 309 25.04 9.71 25.11
C ILE B 309 25.33 10.64 23.95
N LYS B 310 26.44 10.42 23.26
CA LYS B 310 26.87 11.24 22.15
C LYS B 310 26.34 10.76 20.82
N SER B 311 25.66 9.61 20.81
CA SER B 311 25.09 9.01 19.62
C SER B 311 26.12 8.90 18.50
N SER B 312 27.20 8.15 18.77
CA SER B 312 28.27 7.98 17.80
C SER B 312 27.92 6.82 16.86
N ASN B 313 27.64 7.16 15.59
CA ASN B 313 27.51 6.15 14.55
C ASN B 313 28.81 5.37 14.38
N VAL B 314 29.95 6.07 14.39
CA VAL B 314 31.26 5.41 14.27
C VAL B 314 31.43 4.38 15.39
N GLY B 315 31.18 4.79 16.64
CA GLY B 315 31.39 3.89 17.76
C GLY B 315 30.52 2.65 17.71
N ILE B 316 29.22 2.81 17.44
CA ILE B 316 28.37 1.63 17.40
C ILE B 316 28.71 0.78 16.19
N SER B 317 29.18 1.39 15.09
CA SER B 317 29.61 0.60 13.94
C SER B 317 30.83 -0.25 14.27
N LYS B 318 31.83 0.33 14.94
CA LYS B 318 33.01 -0.45 15.31
C LYS B 318 32.63 -1.64 16.19
N ILE B 319 31.73 -1.42 17.14
CA ILE B 319 31.21 -2.52 17.96
C ILE B 319 30.53 -3.56 17.09
N ALA B 320 29.76 -3.10 16.09
CA ALA B 320 29.06 -4.02 15.20
C ALA B 320 30.03 -4.88 14.39
N PHE B 321 31.12 -4.27 13.89
CA PHE B 321 32.12 -5.06 13.19
C PHE B 321 32.65 -6.19 14.08
N ASP B 322 32.81 -5.91 15.37
CA ASP B 322 33.41 -6.90 16.26
C ASP B 322 32.45 -8.05 16.57
N ILE B 323 31.18 -7.73 16.84
CA ILE B 323 30.25 -8.77 17.30
C ILE B 323 29.49 -9.44 16.18
N GLY B 324 29.47 -8.86 14.98
CA GLY B 324 28.76 -9.44 13.85
C GLY B 324 27.31 -9.03 13.75
N ALA B 325 26.83 -8.87 12.51
CA ALA B 325 25.47 -8.41 12.32
C ALA B 325 24.45 -9.44 12.77
N GLU B 326 24.79 -10.74 12.72
CA GLU B 326 23.82 -11.77 13.10
C GLU B 326 23.29 -11.54 14.51
N SER B 327 24.18 -11.19 15.44
CA SER B 327 23.76 -10.99 16.83
C SER B 327 22.90 -9.74 17.00
N ILE B 328 23.16 -8.69 16.22
CA ILE B 328 22.30 -7.50 16.29
C ILE B 328 20.93 -7.79 15.68
N TYR B 329 20.92 -8.42 14.51
CA TYR B 329 19.66 -8.83 13.89
C TYR B 329 18.82 -9.65 14.84
N SER B 330 19.46 -10.55 15.60
CA SER B 330 18.72 -11.44 16.48
C SER B 330 18.01 -10.67 17.60
N VAL B 331 18.69 -9.68 18.19
CA VAL B 331 18.05 -8.87 19.23
C VAL B 331 16.91 -8.04 18.64
N MET B 332 17.17 -7.37 17.52
CA MET B 332 16.15 -6.52 16.90
C MET B 332 14.90 -7.32 16.55
N GLN B 333 15.08 -8.52 16.01
CA GLN B 333 13.94 -9.36 15.65
C GLN B 333 13.17 -9.80 16.89
N GLN B 334 13.87 -10.20 17.94
CA GLN B 334 13.24 -10.71 19.15
C GLN B 334 12.49 -9.62 19.91
N VAL B 335 12.94 -8.36 19.83
CA VAL B 335 12.19 -7.28 20.45
C VAL B 335 11.10 -6.74 19.53
N GLY B 336 10.95 -7.29 18.32
CA GLY B 336 9.77 -6.99 17.52
C GLY B 336 9.96 -6.00 16.38
N LEU B 337 11.17 -5.51 16.13
CA LEU B 337 11.36 -4.55 15.05
C LEU B 337 11.22 -5.22 13.69
N GLY B 338 10.41 -4.63 12.80
CA GLY B 338 10.18 -5.28 11.53
C GLY B 338 9.35 -6.53 11.60
N GLN B 339 8.63 -6.76 12.70
CA GLN B 339 7.85 -7.96 12.94
C GLN B 339 6.38 -7.62 13.13
N ASP B 340 5.51 -8.52 12.68
CA ASP B 340 4.08 -8.34 12.92
C ASP B 340 3.79 -8.23 14.42
N THR B 341 2.89 -7.30 14.77
CA THR B 341 2.55 -7.06 16.18
C THR B 341 1.59 -8.09 16.74
N GLY B 342 0.90 -8.83 15.89
CA GLY B 342 -0.15 -9.72 16.35
C GLY B 342 -1.46 -9.03 16.70
N LEU B 343 -1.57 -7.73 16.49
CA LEU B 343 -2.78 -7.01 16.86
C LEU B 343 -3.93 -7.21 15.90
N GLY B 344 -3.65 -7.59 14.65
CA GLY B 344 -4.71 -7.67 13.65
C GLY B 344 -5.44 -6.36 13.43
N PHE B 345 -4.74 -5.23 13.58
CA PHE B 345 -5.34 -3.92 13.35
C PHE B 345 -5.37 -3.62 11.85
N PRO B 346 -6.47 -3.10 11.33
CA PRO B 346 -6.59 -2.95 9.87
C PRO B 346 -5.52 -2.03 9.30
N GLY B 347 -4.88 -2.47 8.21
CA GLY B 347 -3.89 -1.64 7.54
C GLY B 347 -2.51 -1.64 8.16
N GLU B 348 -2.30 -2.36 9.27
CA GLU B 348 -0.99 -2.44 9.91
C GLU B 348 0.09 -2.81 8.91
N ARG B 349 1.28 -2.24 9.08
CA ARG B 349 2.44 -2.60 8.27
C ARG B 349 3.56 -3.10 9.17
N VAL B 350 4.35 -4.05 8.66
CA VAL B 350 5.38 -4.67 9.49
C VAL B 350 6.76 -4.03 9.32
N GLY B 351 6.96 -3.20 8.30
CA GLY B 351 8.30 -2.69 8.08
C GLY B 351 9.20 -3.75 7.48
N ASN B 352 10.51 -3.56 7.67
CA ASN B 352 11.48 -4.43 7.00
C ASN B 352 12.72 -4.53 7.87
N LEU B 353 12.96 -5.72 8.41
CA LEU B 353 14.22 -6.04 9.06
C LEU B 353 14.93 -7.04 8.17
N PRO B 354 15.87 -6.62 7.34
CA PRO B 354 16.46 -7.53 6.36
C PRO B 354 17.44 -8.48 7.02
N ASN B 355 17.54 -9.68 6.42
CA ASN B 355 18.46 -10.70 6.88
C ASN B 355 19.29 -11.17 5.69
N HIS B 356 20.56 -11.47 5.95
CA HIS B 356 21.48 -11.88 4.91
C HIS B 356 22.22 -13.13 5.36
N ARG B 357 22.60 -13.95 4.36
CA ARG B 357 23.52 -15.06 4.62
C ARG B 357 24.88 -14.54 5.05
N LYS B 358 25.54 -13.81 4.16
CA LYS B 358 26.73 -13.04 4.50
C LYS B 358 26.35 -11.58 4.71
N TRP B 359 26.90 -10.97 5.76
CA TRP B 359 26.67 -9.56 6.07
C TRP B 359 27.94 -8.78 5.78
N PRO B 360 28.02 -8.04 4.66
CA PRO B 360 29.18 -7.16 4.44
C PRO B 360 29.29 -6.11 5.54
N LYS B 361 30.45 -5.44 5.58
CA LYS B 361 30.68 -4.45 6.61
C LYS B 361 29.67 -3.31 6.56
N ALA B 362 29.39 -2.82 5.35
CA ALA B 362 28.52 -1.65 5.19
C ALA B 362 27.15 -1.91 5.78
N GLU B 363 26.52 -3.02 5.36
CA GLU B 363 25.21 -3.38 5.89
C GLU B 363 25.27 -3.72 7.37
N THR B 364 26.42 -4.17 7.87
CA THR B 364 26.55 -4.43 9.29
C THR B 364 26.46 -3.13 10.08
N ALA B 365 27.18 -2.11 9.61
CA ALA B 365 27.16 -0.81 10.28
C ALA B 365 25.81 -0.12 10.14
N THR B 366 25.26 -0.07 8.92
CA THR B 366 23.98 0.64 8.75
C THR B 366 22.87 -0.03 9.55
N LEU B 367 22.91 -1.35 9.72
CA LEU B 367 21.94 -1.99 10.62
C LEU B 367 22.12 -1.51 12.04
N ALA B 368 23.37 -1.42 12.51
CA ALA B 368 23.60 -1.14 13.93
C ALA B 368 23.22 0.29 14.30
N TYR B 369 23.25 1.25 13.37
CA TYR B 369 22.79 2.57 13.74
C TYR B 369 21.47 2.95 13.06
N GLY B 370 20.67 1.96 12.68
CA GLY B 370 19.27 2.20 12.38
C GLY B 370 18.97 2.66 10.99
N TYR B 371 19.92 2.53 10.06
CA TYR B 371 19.71 2.96 8.69
C TYR B 371 19.21 1.82 7.82
N GLY B 372 19.71 0.61 8.04
CA GLY B 372 19.34 -0.52 7.21
C GLY B 372 18.14 -1.31 7.68
N LEU B 373 17.12 -0.63 8.22
CA LEU B 373 15.86 -1.29 8.56
C LEU B 373 14.77 -0.23 8.59
N SER B 374 13.52 -0.69 8.55
CA SER B 374 12.40 0.23 8.71
C SER B 374 11.36 -0.40 9.63
N VAL B 375 10.78 0.44 10.49
CA VAL B 375 9.91 0.02 11.58
C VAL B 375 8.74 0.99 11.68
N THR B 376 7.78 0.67 12.57
CA THR B 376 6.69 1.57 12.92
C THR B 376 6.90 2.12 14.33
N ALA B 377 6.17 3.19 14.64
CA ALA B 377 6.25 3.78 15.97
C ALA B 377 5.82 2.78 17.03
N ILE B 378 4.79 1.99 16.74
CA ILE B 378 4.31 1.04 17.76
C ILE B 378 5.35 -0.07 17.98
N GLN B 379 6.03 -0.52 16.91
CA GLN B 379 7.11 -1.49 17.08
C GLN B 379 8.21 -0.91 17.95
N LEU B 380 8.60 0.34 17.67
CA LEU B 380 9.64 0.98 18.45
C LEU B 380 9.25 1.11 19.92
N ALA B 381 8.00 1.49 20.20
CA ALA B 381 7.51 1.53 21.58
C ALA B 381 7.60 0.16 22.24
N HIS B 382 7.15 -0.88 21.53
CA HIS B 382 7.13 -2.24 22.06
C HIS B 382 8.54 -2.74 22.36
N ALA B 383 9.51 -2.39 21.51
CA ALA B 383 10.90 -2.76 21.75
C ALA B 383 11.46 -2.09 23.00
N TYR B 384 11.22 -0.78 23.15
CA TYR B 384 11.64 -0.09 24.36
C TYR B 384 10.92 -0.61 25.60
N ALA B 385 9.65 -0.99 25.46
CA ALA B 385 8.94 -1.61 26.58
C ALA B 385 9.66 -2.87 27.05
N ALA B 386 10.12 -3.71 26.11
CA ALA B 386 10.84 -4.93 26.50
C ALA B 386 12.09 -4.59 27.29
N LEU B 387 12.88 -3.63 26.79
CA LEU B 387 14.05 -3.16 27.52
C LEU B 387 13.67 -2.71 28.91
N ALA B 388 12.59 -1.93 29.02
CA ALA B 388 12.20 -1.37 30.30
C ALA B 388 11.69 -2.44 31.26
N ASN B 389 11.02 -3.48 30.74
CA ASN B 389 10.45 -4.57 31.54
C ASN B 389 11.49 -5.63 31.88
N ASP B 390 12.72 -5.19 32.19
CA ASP B 390 13.84 -6.08 32.55
C ASP B 390 14.10 -7.14 31.47
N GLY B 391 13.92 -6.75 30.21
CA GLY B 391 14.21 -7.64 29.10
C GLY B 391 13.08 -8.53 28.68
N LYS B 392 11.93 -8.47 29.35
CA LYS B 392 10.78 -9.32 29.05
C LYS B 392 9.84 -8.60 28.10
N SER B 393 9.66 -9.17 26.91
CA SER B 393 8.70 -8.66 25.93
C SER B 393 7.33 -9.27 26.20
N VAL B 394 6.30 -8.45 26.21
CA VAL B 394 4.93 -8.94 26.34
C VAL B 394 4.18 -8.57 25.08
N PRO B 395 3.18 -9.34 24.67
CA PRO B 395 2.44 -8.98 23.45
C PRO B 395 1.72 -7.66 23.64
N LEU B 396 1.68 -6.90 22.56
CA LEU B 396 0.87 -5.68 22.50
C LEU B 396 -0.60 -6.01 22.62
N SER B 397 -1.36 -5.11 23.25
CA SER B 397 -2.81 -5.22 23.31
C SER B 397 -3.43 -3.83 23.10
N MET B 398 -4.49 -3.79 22.28
CA MET B 398 -5.38 -2.63 22.17
C MET B 398 -6.61 -2.74 23.07
N THR B 399 -6.75 -3.82 23.81
CA THR B 399 -7.88 -4.01 24.70
C THR B 399 -7.37 -4.14 26.12
N ARG B 400 -8.21 -3.76 27.09
CA ARG B 400 -7.82 -3.83 28.48
C ARG B 400 -7.54 -5.28 28.87
N VAL B 401 -6.39 -5.51 29.50
CA VAL B 401 -6.01 -6.85 29.93
C VAL B 401 -6.40 -7.01 31.39
N ASP B 402 -6.84 -8.20 31.76
CA ASP B 402 -7.26 -8.44 33.13
C ASP B 402 -6.18 -9.15 33.96
N ARG B 403 -5.10 -9.59 33.33
CA ARG B 403 -3.97 -10.14 34.05
C ARG B 403 -2.69 -9.79 33.30
N VAL B 404 -1.58 -9.71 34.02
CA VAL B 404 -0.31 -9.51 33.33
C VAL B 404 -0.04 -10.70 32.44
N PRO B 405 0.21 -10.51 31.14
CA PRO B 405 0.40 -11.65 30.24
C PRO B 405 1.76 -12.30 30.45
N ASP B 406 1.84 -13.54 29.99
CA ASP B 406 3.13 -14.19 29.82
C ASP B 406 3.97 -13.40 28.84
N GLY B 407 5.26 -13.26 29.14
CA GLY B 407 6.20 -12.61 28.27
C GLY B 407 7.32 -13.56 27.88
N VAL B 408 8.15 -13.10 26.95
CA VAL B 408 9.34 -13.83 26.52
C VAL B 408 10.56 -13.03 26.94
N GLN B 409 11.53 -13.69 27.59
CA GLN B 409 12.75 -13.03 28.02
C GLN B 409 13.67 -12.90 26.81
N VAL B 410 13.60 -11.76 26.11
CA VAL B 410 14.34 -11.60 24.87
C VAL B 410 15.72 -11.00 25.11
N ILE B 411 15.87 -10.20 26.15
CA ILE B 411 17.13 -9.67 26.62
C ILE B 411 17.29 -10.12 28.07
N SER B 412 18.49 -10.56 28.44
CA SER B 412 18.69 -11.02 29.81
C SER B 412 18.41 -9.88 30.79
N PRO B 413 17.90 -10.20 31.98
CA PRO B 413 17.63 -9.13 32.96
C PRO B 413 18.87 -8.30 33.28
N GLU B 414 20.05 -8.93 33.32
CA GLU B 414 21.27 -8.18 33.62
CA GLU B 414 21.28 -8.19 33.63
C GLU B 414 21.65 -7.25 32.49
N VAL B 415 21.55 -7.71 31.24
CA VAL B 415 21.89 -6.85 30.11
C VAL B 415 20.85 -5.73 29.99
N ALA B 416 19.56 -6.04 30.16
CA ALA B 416 18.51 -5.02 30.15
C ALA B 416 18.78 -3.93 31.18
N SER B 417 19.07 -4.33 32.41
CA SER B 417 19.33 -3.37 33.48
C SER B 417 20.52 -2.49 33.15
N THR B 418 21.57 -3.07 32.57
CA THR B 418 22.72 -2.26 32.16
C THR B 418 22.33 -1.27 31.07
N VAL B 419 21.56 -1.71 30.07
CA VAL B 419 21.21 -0.80 28.99
C VAL B 419 20.22 0.26 29.47
N GLN B 420 19.30 -0.12 30.37
CA GLN B 420 18.42 0.87 31.00
C GLN B 420 19.24 1.98 31.64
N GLY B 421 20.23 1.61 32.46
CA GLY B 421 21.05 2.61 33.11
C GLY B 421 21.77 3.51 32.12
N MET B 422 22.22 2.95 31.00
CA MET B 422 22.85 3.77 29.96
C MET B 422 21.84 4.78 29.39
N LEU B 423 20.61 4.35 29.19
CA LEU B 423 19.60 5.24 28.63
C LEU B 423 19.18 6.30 29.63
N GLN B 424 19.29 6.04 30.94
CA GLN B 424 19.08 7.12 31.90
C GLN B 424 20.20 8.17 31.79
N GLN B 425 21.44 7.72 31.62
CA GLN B 425 22.54 8.65 31.37
C GLN B 425 22.37 9.44 30.07
N VAL B 426 21.77 8.82 29.04
CA VAL B 426 21.53 9.58 27.81
C VAL B 426 20.71 10.83 28.12
N VAL B 427 19.71 10.68 28.99
CA VAL B 427 18.87 11.81 29.33
C VAL B 427 19.53 12.70 30.39
N GLU B 428 20.28 12.13 31.34
CA GLU B 428 20.70 12.89 32.52
C GLU B 428 22.17 13.31 32.54
N ALA B 429 23.03 12.67 31.77
CA ALA B 429 24.45 12.96 31.93
C ALA B 429 24.84 14.22 31.19
N GLN B 430 26.02 14.76 31.54
CA GLN B 430 26.63 15.86 30.79
C GLN B 430 26.68 15.54 29.30
N GLY B 431 26.23 16.49 28.49
CA GLY B 431 26.21 16.33 27.05
C GLY B 431 25.06 15.51 26.49
N GLY B 432 24.10 15.12 27.33
CA GLY B 432 22.99 14.29 26.89
C GLY B 432 21.78 15.09 26.48
N VAL B 433 20.66 14.38 26.37
CA VAL B 433 19.42 14.94 25.84
C VAL B 433 18.63 15.56 26.98
N PHE B 434 19.10 16.70 27.48
CA PHE B 434 18.51 17.25 28.70
C PHE B 434 17.07 17.72 28.50
N ARG B 435 16.66 18.01 27.25
CA ARG B 435 15.28 18.46 27.09
C ARG B 435 14.28 17.32 27.25
N ALA B 436 14.74 16.07 27.27
CA ALA B 436 13.84 14.96 27.56
C ALA B 436 13.65 14.74 29.05
N GLN B 437 14.42 15.42 29.92
CA GLN B 437 14.28 15.19 31.35
C GLN B 437 12.87 15.57 31.80
N VAL B 438 12.36 14.81 32.75
CA VAL B 438 11.00 14.94 33.25
C VAL B 438 11.10 15.47 34.68
N PRO B 439 10.58 16.65 34.96
CA PRO B 439 10.70 17.23 36.31
C PRO B 439 10.12 16.29 37.36
N GLY B 440 10.88 16.09 38.44
CA GLY B 440 10.43 15.21 39.51
C GLY B 440 10.66 13.72 39.29
N TYR B 441 11.11 13.29 38.11
CA TYR B 441 11.28 11.89 37.79
C TYR B 441 12.64 11.63 37.15
N HIS B 442 13.07 10.37 37.18
CA HIS B 442 14.16 9.91 36.35
C HIS B 442 13.57 9.32 35.07
N ALA B 443 13.98 9.85 33.93
CA ALA B 443 13.56 9.31 32.66
C ALA B 443 14.79 8.74 31.95
N ALA B 444 14.52 7.80 31.04
CA ALA B 444 15.56 7.16 30.25
C ALA B 444 15.07 7.09 28.82
N GLY B 445 15.97 7.23 27.86
CA GLY B 445 15.55 7.15 26.48
C GLY B 445 16.70 7.46 25.55
N LYS B 446 16.35 7.56 24.26
CA LYS B 446 17.32 7.80 23.20
C LYS B 446 16.65 8.60 22.10
N SER B 447 17.31 9.65 21.64
CA SER B 447 16.82 10.46 20.54
C SER B 447 17.25 9.83 19.21
N GLY B 448 16.57 10.25 18.15
CA GLY B 448 16.99 9.87 16.81
C GLY B 448 16.67 10.97 15.83
N THR B 449 17.49 11.07 14.78
CA THR B 449 17.28 12.01 13.68
C THR B 449 17.48 11.22 12.40
N ALA B 450 16.40 11.06 11.63
CA ALA B 450 16.42 10.20 10.45
C ALA B 450 16.24 11.07 9.22
N ARG B 451 17.32 11.25 8.45
N ARG B 451 17.31 11.23 8.45
CA ARG B 451 17.19 11.98 7.20
CA ARG B 451 17.22 11.94 7.18
C ARG B 451 16.51 11.09 6.17
C ARG B 451 16.52 11.07 6.16
N LYS B 452 15.48 11.62 5.51
CA LYS B 452 14.84 10.91 4.41
C LYS B 452 15.77 11.02 3.22
N VAL B 453 16.51 9.94 2.93
CA VAL B 453 17.53 9.94 1.89
C VAL B 453 16.88 9.77 0.51
N ARG B 461 10.91 17.88 -1.59
CA ARG B 461 11.51 18.17 -0.30
C ARG B 461 12.92 17.60 -0.19
N GLU B 462 13.86 18.45 0.19
CA GLU B 462 15.23 18.03 0.48
C GLU B 462 15.68 18.72 1.75
N ASN B 463 16.57 18.06 2.49
CA ASN B 463 16.81 18.39 3.88
C ASN B 463 15.51 18.31 4.67
N ALA B 464 14.78 17.22 4.43
CA ALA B 464 13.63 16.82 5.24
C ALA B 464 14.05 15.65 6.12
N TYR B 465 13.56 15.66 7.36
N TYR B 465 13.55 15.62 7.35
CA TYR B 465 14.00 14.72 8.39
CA TYR B 465 13.96 14.58 8.27
C TYR B 465 12.80 14.23 9.19
C TYR B 465 12.85 14.26 9.24
N ARG B 466 13.02 13.15 9.94
CA ARG B 466 12.15 12.73 11.02
C ARG B 466 12.91 12.91 12.32
N SER B 467 12.26 13.55 13.28
CA SER B 467 12.77 13.66 14.64
C SER B 467 12.11 12.60 15.53
N LEU B 468 12.91 11.84 16.25
CA LEU B 468 12.42 10.71 17.04
C LEU B 468 12.89 10.80 18.48
N PHE B 469 12.03 10.38 19.40
CA PHE B 469 12.48 10.11 20.75
C PHE B 469 11.71 8.91 21.31
N ALA B 470 12.46 7.95 21.85
CA ALA B 470 11.91 6.75 22.45
C ALA B 470 12.44 6.62 23.88
N GLY B 471 11.54 6.32 24.81
CA GLY B 471 11.99 6.27 26.19
C GLY B 471 10.96 5.65 27.12
N PHE B 472 11.31 5.66 28.42
CA PHE B 472 10.44 5.08 29.44
C PHE B 472 10.75 5.75 30.78
N ALA B 473 9.86 5.55 31.73
CA ALA B 473 9.92 6.23 33.01
C ALA B 473 8.96 5.53 33.97
N PRO B 474 9.16 5.69 35.29
CA PRO B 474 10.35 6.26 35.96
C PRO B 474 11.47 5.27 35.82
N ALA B 475 12.72 5.71 35.70
CA ALA B 475 13.78 4.74 35.49
C ALA B 475 13.96 3.82 36.69
N THR B 476 13.64 4.28 37.90
CA THR B 476 13.83 3.43 39.06
C THR B 476 12.73 2.37 39.23
N ASP B 477 11.64 2.47 38.48
CA ASP B 477 10.51 1.53 38.55
C ASP B 477 9.71 1.65 37.25
N PRO B 478 10.23 1.18 36.11
CA PRO B 478 9.65 1.57 34.82
C PRO B 478 8.20 1.11 34.69
N ARG B 479 7.33 2.05 34.31
CA ARG B 479 5.92 1.76 34.12
CA ARG B 479 5.90 1.79 34.13
C ARG B 479 5.43 1.97 32.69
N ILE B 480 5.84 3.05 32.01
CA ILE B 480 5.34 3.33 30.68
C ILE B 480 6.49 3.62 29.73
N ALA B 481 6.35 3.13 28.50
CA ALA B 481 7.25 3.49 27.42
C ALA B 481 6.50 4.42 26.46
N MET B 482 7.27 5.30 25.82
CA MET B 482 6.70 6.34 24.96
C MET B 482 7.58 6.54 23.74
N VAL B 483 6.96 6.67 22.57
CA VAL B 483 7.65 7.04 21.35
C VAL B 483 6.99 8.29 20.75
N VAL B 484 7.82 9.27 20.37
CA VAL B 484 7.41 10.50 19.72
C VAL B 484 8.07 10.54 18.35
N VAL B 485 7.27 10.73 17.31
CA VAL B 485 7.80 10.87 15.95
C VAL B 485 7.26 12.18 15.38
N ILE B 486 8.16 13.09 14.99
CA ILE B 486 7.79 14.34 14.34
C ILE B 486 8.32 14.30 12.91
N ASP B 487 7.41 14.34 11.94
CA ASP B 487 7.75 14.17 10.53
C ASP B 487 7.93 15.54 9.86
N GLU B 488 9.14 15.80 9.33
CA GLU B 488 9.48 17.00 8.62
C GLU B 488 9.15 18.31 9.36
N PRO B 489 9.77 18.54 10.52
CA PRO B 489 9.69 19.87 11.12
C PRO B 489 10.39 20.86 10.21
N SER B 490 9.84 22.07 10.13
CA SER B 490 10.37 23.06 9.20
C SER B 490 10.89 24.28 9.95
N LYS B 491 10.04 24.98 10.71
CA LYS B 491 10.45 26.15 11.48
C LYS B 491 10.96 25.70 12.84
N ALA B 492 11.96 24.83 12.83
CA ALA B 492 12.24 24.04 14.02
C ALA B 492 13.72 23.80 14.35
N GLY B 493 14.43 23.11 13.47
CA GLY B 493 15.71 22.54 13.84
C GLY B 493 15.53 21.05 14.06
N TYR B 494 15.83 20.27 13.02
CA TYR B 494 15.32 18.91 12.87
C TYR B 494 15.74 17.94 13.98
N PHE B 495 16.69 18.31 14.83
CA PHE B 495 17.29 17.35 15.75
C PHE B 495 16.25 16.70 16.65
N GLY B 496 16.31 15.36 16.74
CA GLY B 496 15.45 14.62 17.66
C GLY B 496 15.52 15.13 19.09
N GLY B 497 16.73 15.43 19.57
CA GLY B 497 16.88 16.00 20.90
C GLY B 497 16.41 17.43 21.00
N LEU B 498 16.20 18.07 19.86
CA LEU B 498 15.69 19.43 19.83
C LEU B 498 14.17 19.46 19.74
N VAL B 499 13.57 18.57 18.94
CA VAL B 499 12.18 18.69 18.53
C VAL B 499 11.30 17.65 19.26
N SER B 500 11.65 16.37 19.19
CA SER B 500 10.79 15.34 19.77
CA SER B 500 10.77 15.36 19.78
C SER B 500 11.01 15.17 21.28
N ALA B 501 12.21 15.47 21.77
CA ALA B 501 12.50 15.29 23.19
C ALA B 501 11.65 16.15 24.12
N PRO B 502 11.43 17.45 23.87
CA PRO B 502 10.57 18.20 24.79
C PRO B 502 9.14 17.70 24.80
N VAL B 503 8.68 17.10 23.69
CA VAL B 503 7.35 16.49 23.67
C VAL B 503 7.29 15.30 24.60
N PHE B 504 8.29 14.41 24.48
CA PHE B 504 8.40 13.30 25.43
C PHE B 504 8.38 13.81 26.87
N SER B 505 9.12 14.88 27.16
CA SER B 505 9.17 15.39 28.54
C SER B 505 7.79 15.81 29.03
N LYS B 506 7.11 16.65 28.26
CA LYS B 506 5.79 17.16 28.65
C LYS B 506 4.76 16.04 28.76
N VAL B 507 4.73 15.14 27.79
CA VAL B 507 3.71 14.09 27.82
C VAL B 507 4.04 13.05 28.90
N MET B 508 5.33 12.77 29.11
CA MET B 508 5.67 11.81 30.16
C MET B 508 5.32 12.38 31.54
N ALA B 509 5.60 13.68 31.73
CA ALA B 509 5.28 14.34 33.00
C ALA B 509 3.77 14.27 33.28
N GLY B 510 2.94 14.56 32.28
CA GLY B 510 1.50 14.52 32.49
C GLY B 510 0.98 13.10 32.69
N ALA B 511 1.51 12.15 31.92
CA ALA B 511 1.06 10.77 32.04
C ALA B 511 1.38 10.18 33.41
N LEU B 512 2.58 10.46 33.91
CA LEU B 512 2.97 9.93 35.22
C LEU B 512 2.10 10.54 36.31
N ARG B 513 1.80 11.84 36.21
CA ARG B 513 0.85 12.45 37.13
C ARG B 513 -0.54 11.81 37.04
N LEU B 514 -1.06 11.63 35.82
CA LEU B 514 -2.41 11.10 35.67
C LEU B 514 -2.50 9.68 36.20
N MET B 515 -1.42 8.92 36.10
CA MET B 515 -1.40 7.54 36.56
C MET B 515 -0.98 7.42 38.03
N ASN B 516 -0.82 8.55 38.73
CA ASN B 516 -0.52 8.54 40.16
C ASN B 516 0.83 7.85 40.44
N VAL B 517 1.80 8.05 39.55
CA VAL B 517 3.10 7.41 39.73
C VAL B 517 3.94 8.29 40.65
N PRO B 518 4.49 7.72 41.72
CA PRO B 518 5.35 8.48 42.66
C PRO B 518 6.58 9.05 41.96
N PRO B 519 6.81 10.34 42.10
CA PRO B 519 8.09 10.91 41.66
C PRO B 519 9.28 10.17 42.26
N ASP B 520 10.29 9.90 41.43
CA ASP B 520 11.50 9.24 41.93
C ASP B 520 12.72 10.15 41.80
N ASN B 521 12.53 11.42 41.43
CA ASN B 521 13.63 12.36 41.32
C ASN B 521 13.15 13.71 41.89
N LEU B 522 12.71 13.67 43.14
CA LEU B 522 12.20 14.87 43.79
C LEU B 522 13.18 16.05 43.84
N PRO B 523 14.51 15.86 43.88
CA PRO B 523 15.39 17.02 43.76
C PRO B 523 15.20 17.85 42.48
N THR B 524 14.41 17.41 41.51
CA THR B 524 14.11 18.21 40.33
C THR B 524 12.64 18.67 40.29
N ALA B 525 11.95 18.62 41.43
CA ALA B 525 10.66 19.30 41.60
C ALA B 525 9.61 18.94 40.57
#